data_6E3L
#
_entry.id   6E3L
#
_cell.length_a   78.694
_cell.length_b   150.212
_cell.length_c   212.668
_cell.angle_alpha   90.00
_cell.angle_beta   90.00
_cell.angle_gamma   90.00
#
_symmetry.space_group_name_H-M   'P 21 21 21'
#
loop_
_entity.id
_entity.type
_entity.pdbx_description
1 polymer 'Interferon gamma'
2 polymer 'Interferon gamma receptor 1'
3 polymer 'Interferon gamma receptor 2'
4 branched 2-acetamido-2-deoxy-beta-D-glucopyranose-(1-4)-2-acetamido-2-deoxy-beta-D-glucopyranose
5 branched beta-D-mannopyranose-(1-4)-2-acetamido-2-deoxy-beta-D-glucopyranose-(1-4)-2-acetamido-2-deoxy-beta-D-glucopyranose
6 branched alpha-D-mannopyranose-(1-6)-alpha-D-mannopyranose-(1-6)-[alpha-D-mannopyranose-(1-3)]beta-D-mannopyranose-(1-4)-2-acetamido-2-deoxy-beta-D-glucopyranose-(1-4)-2-acetamido-2-deoxy-beta-D-glucopyranose
7 non-polymer 2-acetamido-2-deoxy-beta-D-glucopyranose
8 non-polymer CYSTEINE
#
loop_
_entity_poly.entity_id
_entity_poly.type
_entity_poly.pdbx_seq_one_letter_code
_entity_poly.pdbx_strand_id
1 'polypeptide(L)'
;GPGSQDPYVKEAENLKKYFNAGHSDVADNGTLFLGILKNWKEESDRKIMQSQIVSFYFKLFKNFKDDQSIQKSVETIKED
MNVKFFNSNKKKRDDFEKLTNYSVTDLNVQRKAIHELIQVMAELSPAAKTGKRKRSQAAAHHHHHHHH
;
A,B
2 'polypeptide(L)'
;GSEMGTADLGPSSVPTPTNVTIESYNMNPIVYWEYQIMPQVPVFTVEVKNYGVKNSEWIDACINISHHYCNISDHVGDPS
NSLWVRVKARVGQKESAYAKSEEFAVCRDGKIGPPKLDIRKEEKQIMIDIFHPSVFVNGDEQEVDYDPETICYIRVYNVY
VRKNGSEIKYKILTQNEDDCDEIRCQLAIPVSSLNSQYCVSAEGVLNVWGVTTEKSKEVCITIFNSSIKGSAAAHHHHHH
HH
;
C,D
3 'polypeptide(L)'
;GSSQLPAPQHPKIRLYNAEQVLSWEPVALSNSTRPVVYQVQFKYTDSKWFTADIMSIGVNCTQITATECDFTAASPSAGF
PMDFNVTLRLRAELGALHSAWVTMPWFQHYRNVTVGPPENIEVTPGEGSLIIRFSSPFDIADTSTAFFCYYVHYWEKGGI
QQVKGPFRSNSISLDNLKPSRVYCLQVQAQLLWNKSNIFRVGHLSNISCYETMADASTELQQAAAHHHHHHHH
;
E,I
#
loop_
_chem_comp.id
_chem_comp.type
_chem_comp.name
_chem_comp.formula
BMA D-saccharide, beta linking beta-D-mannopyranose 'C6 H12 O6'
MAN D-saccharide, alpha linking alpha-D-mannopyranose 'C6 H12 O6'
NAG D-saccharide, beta linking 2-acetamido-2-deoxy-beta-D-glucopyranose 'C8 H15 N O6'
#
# COMPACT_ATOMS: atom_id res chain seq x y z
N GLY A 3 17.75 -0.67 -26.75
CA GLY A 3 18.43 0.57 -26.44
C GLY A 3 18.32 0.97 -24.99
N SER A 4 17.51 2.00 -24.72
CA SER A 4 17.28 2.48 -23.36
C SER A 4 16.05 1.77 -22.82
N GLN A 5 16.26 0.84 -21.90
CA GLN A 5 15.18 0.08 -21.29
C GLN A 5 15.63 -0.34 -19.89
N ASP A 6 14.66 -0.47 -18.99
CA ASP A 6 14.98 -0.85 -17.62
C ASP A 6 15.76 -2.17 -17.62
N PRO A 7 16.72 -2.34 -16.71
CA PRO A 7 17.64 -3.49 -16.81
C PRO A 7 16.96 -4.84 -16.71
N TYR A 8 15.74 -4.92 -16.20
CA TYR A 8 15.07 -6.22 -16.04
C TYR A 8 14.66 -6.82 -17.37
N VAL A 9 14.32 -5.99 -18.36
CA VAL A 9 13.78 -6.50 -19.62
C VAL A 9 14.75 -7.47 -20.28
N LYS A 10 16.02 -7.07 -20.40
CA LYS A 10 17.03 -7.94 -21.02
C LYS A 10 17.16 -9.27 -20.27
N GLU A 11 17.15 -9.24 -18.94
CA GLU A 11 17.38 -10.45 -18.16
C GLU A 11 16.11 -11.29 -18.01
N ALA A 12 14.93 -10.66 -18.02
CA ALA A 12 13.70 -11.42 -17.87
C ALA A 12 13.44 -12.34 -19.05
N GLU A 13 13.65 -11.83 -20.28
CA GLU A 13 13.45 -12.68 -21.45
C GLU A 13 14.55 -13.71 -21.61
N ASN A 14 15.68 -13.53 -20.93
CA ASN A 14 16.69 -14.59 -20.88
C ASN A 14 16.20 -15.76 -20.02
N LEU A 15 15.57 -15.46 -18.88
CA LEU A 15 14.96 -16.52 -18.09
C LEU A 15 13.80 -17.19 -18.81
N LYS A 16 13.09 -16.45 -19.66
CA LYS A 16 12.01 -17.06 -20.44
C LYS A 16 12.54 -18.18 -21.31
N LYS A 17 13.70 -18.00 -21.93
CA LYS A 17 14.30 -19.05 -22.74
C LYS A 17 14.81 -20.19 -21.87
N TYR A 18 15.37 -19.87 -20.70
CA TYR A 18 15.89 -20.91 -19.82
C TYR A 18 14.75 -21.78 -19.30
N PHE A 19 13.62 -21.16 -19.02
CA PHE A 19 12.45 -21.87 -18.53
C PHE A 19 11.49 -22.24 -19.65
N ASN A 20 11.84 -21.96 -20.90
CA ASN A 20 10.94 -22.22 -22.04
C ASN A 20 9.58 -21.55 -21.82
N ALA A 21 9.60 -20.33 -21.31
CA ALA A 21 8.38 -19.57 -21.12
C ALA A 21 7.87 -18.90 -22.39
N GLY A 22 8.55 -19.07 -23.53
CA GLY A 22 8.06 -18.54 -24.78
C GLY A 22 7.22 -19.45 -25.64
N HIS A 23 7.03 -20.71 -25.25
CA HIS A 23 6.20 -21.62 -26.02
C HIS A 23 4.72 -21.28 -25.81
N SER A 24 3.89 -21.62 -26.81
CA SER A 24 2.47 -21.30 -26.80
C SER A 24 1.66 -22.01 -25.71
N ASP A 25 2.20 -23.04 -25.07
CA ASP A 25 1.44 -23.75 -24.04
C ASP A 25 1.32 -22.99 -22.72
N VAL A 26 2.10 -21.93 -22.51
CA VAL A 26 2.03 -21.15 -21.28
C VAL A 26 0.74 -20.34 -21.17
N ALA A 27 0.09 -20.02 -22.29
CA ALA A 27 -1.14 -19.24 -22.27
C ALA A 27 -2.29 -19.96 -21.59
N ASP A 28 -2.23 -21.28 -21.47
CA ASP A 28 -3.32 -22.06 -20.87
C ASP A 28 -3.46 -21.77 -19.39
N ASN A 29 -4.66 -22.05 -18.88
CA ASN A 29 -5.00 -21.97 -17.46
C ASN A 29 -4.92 -20.54 -16.97
N GLY A 30 -5.47 -19.61 -17.76
CA GLY A 30 -5.64 -18.23 -17.37
C GLY A 30 -4.33 -17.54 -17.03
N THR A 31 -4.38 -16.65 -16.05
CA THR A 31 -3.21 -15.91 -15.60
C THR A 31 -3.07 -16.05 -14.09
N LEU A 32 -1.84 -15.89 -13.62
CA LEU A 32 -1.57 -15.82 -12.17
C LEU A 32 -1.75 -14.40 -11.65
N PHE A 33 -0.88 -13.50 -12.08
CA PHE A 33 -0.77 -12.16 -11.51
C PHE A 33 -1.40 -11.08 -12.37
N LEU A 34 -1.28 -11.19 -13.70
CA LEU A 34 -1.67 -10.10 -14.58
C LEU A 34 -3.15 -9.78 -14.48
N GLY A 35 -4.00 -10.81 -14.40
CA GLY A 35 -5.42 -10.56 -14.31
C GLY A 35 -5.83 -9.85 -13.04
N ILE A 36 -5.28 -10.29 -11.91
CA ILE A 36 -5.62 -9.68 -10.62
C ILE A 36 -5.13 -8.24 -10.54
N LEU A 37 -3.91 -7.97 -11.01
CA LEU A 37 -3.33 -6.63 -10.86
C LEU A 37 -4.13 -5.55 -11.58
N LYS A 38 -4.88 -5.90 -12.62
CA LYS A 38 -5.69 -4.90 -13.30
C LYS A 38 -6.99 -4.58 -12.58
N ASN A 39 -7.40 -5.41 -11.61
CA ASN A 39 -8.61 -5.15 -10.85
C ASN A 39 -8.43 -4.06 -9.80
N TRP A 40 -7.20 -3.80 -9.38
CA TRP A 40 -6.92 -2.89 -8.27
C TRP A 40 -6.03 -1.77 -8.77
N LYS A 41 -6.60 -0.56 -8.86
CA LYS A 41 -5.88 0.63 -9.29
C LYS A 41 -5.40 1.49 -8.13
N GLU A 42 -5.99 1.36 -6.95
CA GLU A 42 -5.59 2.15 -5.79
C GLU A 42 -4.30 1.58 -5.18
N GLU A 43 -3.34 2.47 -4.91
CA GLU A 43 -2.01 2.01 -4.52
C GLU A 43 -2.06 1.19 -3.24
N SER A 44 -2.96 1.56 -2.32
CA SER A 44 -3.13 0.77 -1.11
C SER A 44 -3.56 -0.65 -1.46
N ASP A 45 -4.53 -0.80 -2.37
CA ASP A 45 -4.93 -2.12 -2.83
C ASP A 45 -3.84 -2.80 -3.65
N ARG A 46 -3.10 -2.04 -4.46
CA ARG A 46 -2.05 -2.62 -5.29
C ARG A 46 -0.93 -3.22 -4.43
N LYS A 47 -0.43 -2.46 -3.46
CA LYS A 47 0.67 -2.94 -2.64
C LYS A 47 0.30 -4.18 -1.84
N ILE A 48 -0.98 -4.37 -1.53
CA ILE A 48 -1.43 -5.60 -0.87
C ILE A 48 -1.18 -6.80 -1.76
N MET A 49 -1.54 -6.70 -3.04
CA MET A 49 -1.34 -7.82 -3.95
C MET A 49 0.12 -7.95 -4.36
N GLN A 50 0.77 -6.84 -4.70
CA GLN A 50 2.16 -6.88 -5.13
C GLN A 50 3.09 -7.46 -4.07
N SER A 51 2.81 -7.21 -2.79
CA SER A 51 3.63 -7.77 -1.73
C SER A 51 3.66 -9.30 -1.79
N GLN A 52 2.49 -9.93 -2.01
CA GLN A 52 2.46 -11.38 -2.12
C GLN A 52 3.12 -11.85 -3.41
N ILE A 53 3.04 -11.06 -4.48
CA ILE A 53 3.67 -11.44 -5.73
C ILE A 53 5.18 -11.30 -5.64
N VAL A 54 5.66 -10.22 -5.02
CA VAL A 54 7.09 -10.04 -4.86
C VAL A 54 7.66 -11.13 -3.96
N SER A 55 6.94 -11.47 -2.89
CA SER A 55 7.36 -12.57 -2.03
C SER A 55 7.39 -13.89 -2.79
N PHE A 56 6.51 -14.06 -3.77
CA PHE A 56 6.51 -15.30 -4.55
C PHE A 56 7.77 -15.41 -5.38
N TYR A 57 8.14 -14.31 -6.07
CA TYR A 57 9.32 -14.35 -6.91
C TYR A 57 10.58 -14.55 -6.08
N PHE A 58 10.67 -13.89 -4.93
CA PHE A 58 11.81 -14.12 -4.06
C PHE A 58 11.88 -15.57 -3.61
N LYS A 59 10.73 -16.19 -3.34
CA LYS A 59 10.71 -17.61 -3.03
C LYS A 59 11.16 -18.45 -4.22
N LEU A 60 10.69 -18.11 -5.41
CA LEU A 60 11.08 -18.84 -6.62
C LEU A 60 12.58 -18.74 -6.89
N PHE A 61 13.13 -17.52 -6.80
CA PHE A 61 14.55 -17.35 -7.03
C PHE A 61 15.39 -18.12 -6.01
N LYS A 62 14.89 -18.26 -4.79
CA LYS A 62 15.64 -18.96 -3.74
C LYS A 62 15.83 -20.44 -4.07
N ASN A 63 14.85 -21.05 -4.76
CA ASN A 63 14.99 -22.46 -5.11
C ASN A 63 16.03 -22.66 -6.20
N PHE A 64 16.19 -21.69 -7.11
CA PHE A 64 17.13 -21.78 -8.21
C PHE A 64 18.42 -21.01 -7.93
N LYS A 65 18.78 -20.86 -6.66
CA LYS A 65 20.04 -20.20 -6.31
C LYS A 65 21.26 -21.03 -6.69
N ASP A 66 21.07 -22.30 -7.05
CA ASP A 66 22.18 -23.16 -7.43
C ASP A 66 22.44 -23.18 -8.94
N ASP A 67 21.46 -22.79 -9.75
CA ASP A 67 21.65 -22.72 -11.19
C ASP A 67 22.51 -21.54 -11.60
N GLN A 68 23.82 -21.77 -11.75
CA GLN A 68 24.76 -20.71 -12.09
C GLN A 68 24.54 -20.14 -13.50
N SER A 69 23.75 -20.80 -14.34
CA SER A 69 23.49 -20.28 -15.69
C SER A 69 22.72 -18.97 -15.65
N ILE A 70 21.81 -18.81 -14.69
CA ILE A 70 20.87 -17.70 -14.64
C ILE A 70 21.13 -16.80 -13.45
N GLN A 71 22.20 -17.02 -12.70
CA GLN A 71 22.45 -16.28 -11.48
C GLN A 71 22.60 -14.78 -11.74
N LYS A 72 23.23 -14.40 -12.86
CA LYS A 72 23.34 -12.99 -13.21
C LYS A 72 21.97 -12.37 -13.43
N SER A 73 21.13 -13.04 -14.22
CA SER A 73 19.79 -12.49 -14.48
C SER A 73 18.96 -12.43 -13.22
N VAL A 74 19.08 -13.43 -12.35
CA VAL A 74 18.26 -13.48 -11.14
C VAL A 74 18.58 -12.30 -10.24
N GLU A 75 19.86 -12.13 -9.88
CA GLU A 75 20.22 -11.09 -8.92
C GLU A 75 20.11 -9.69 -9.52
N THR A 76 20.17 -9.58 -10.84
CA THR A 76 19.90 -8.29 -11.49
C THR A 76 18.44 -7.90 -11.33
N ILE A 77 17.52 -8.86 -11.51
CA ILE A 77 16.10 -8.58 -11.31
C ILE A 77 15.79 -8.26 -9.86
N LYS A 78 16.48 -8.93 -8.93
CA LYS A 78 16.28 -8.66 -7.52
C LYS A 78 16.62 -7.22 -7.15
N GLU A 79 17.72 -6.70 -7.67
CA GLU A 79 18.08 -5.32 -7.35
C GLU A 79 17.06 -4.35 -7.92
N ASP A 80 16.57 -4.61 -9.14
CA ASP A 80 15.54 -3.73 -9.70
C ASP A 80 14.24 -3.83 -8.92
N MET A 81 13.94 -5.00 -8.34
CA MET A 81 12.82 -5.09 -7.42
C MET A 81 13.11 -4.30 -6.16
N ASN A 82 14.35 -4.38 -5.67
CA ASN A 82 14.74 -3.59 -4.51
C ASN A 82 14.63 -2.10 -4.80
N VAL A 83 14.75 -1.71 -6.07
CA VAL A 83 14.64 -0.31 -6.46
C VAL A 83 13.20 0.09 -6.73
N LYS A 84 12.48 -0.69 -7.52
CA LYS A 84 11.13 -0.29 -7.92
C LYS A 84 10.12 -0.47 -6.81
N PHE A 85 10.18 -1.60 -6.08
CA PHE A 85 9.16 -1.92 -5.09
C PHE A 85 9.51 -1.40 -3.70
N PHE A 86 10.78 -1.51 -3.29
CA PHE A 86 11.21 -1.08 -1.98
C PHE A 86 11.83 0.30 -2.00
N ASN A 87 11.87 0.96 -3.17
CA ASN A 87 12.38 2.32 -3.29
C ASN A 87 13.81 2.43 -2.80
N SER A 88 14.60 1.37 -3.03
CA SER A 88 16.01 1.30 -2.63
C SER A 88 16.20 1.45 -1.13
N ASN A 89 15.15 1.23 -0.35
CA ASN A 89 15.22 1.30 1.11
C ASN A 89 15.67 -0.06 1.64
N LYS A 90 16.92 -0.14 2.10
CA LYS A 90 17.46 -1.41 2.59
C LYS A 90 16.69 -1.91 3.81
N LYS A 91 16.28 -1.00 4.69
CA LYS A 91 15.49 -1.40 5.85
C LYS A 91 14.15 -1.99 5.41
N LYS A 92 13.49 -1.37 4.44
CA LYS A 92 12.25 -1.93 3.91
C LYS A 92 12.48 -3.32 3.33
N ARG A 93 13.59 -3.50 2.60
CA ARG A 93 13.91 -4.81 2.05
C ARG A 93 14.19 -5.84 3.14
N ASP A 94 14.91 -5.44 4.18
CA ASP A 94 15.28 -6.40 5.22
C ASP A 94 14.10 -6.76 6.09
N ASP A 95 13.26 -5.78 6.42
CA ASP A 95 12.04 -6.07 7.17
C ASP A 95 11.14 -7.01 6.38
N PHE A 96 11.02 -6.77 5.07
CA PHE A 96 10.23 -7.67 4.23
C PHE A 96 10.80 -9.08 4.27
N GLU A 97 12.13 -9.21 4.18
CA GLU A 97 12.76 -10.52 4.20
C GLU A 97 12.53 -11.23 5.53
N LYS A 98 12.48 -10.48 6.63
CA LYS A 98 12.23 -11.09 7.93
C LYS A 98 10.84 -11.71 7.99
N LEU A 99 9.82 -10.95 7.56
CA LEU A 99 8.45 -11.45 7.63
C LEU A 99 8.28 -12.74 6.83
N THR A 100 8.92 -12.83 5.66
CA THR A 100 8.76 -14.02 4.85
C THR A 100 9.39 -15.25 5.49
N ASN A 101 10.60 -15.09 6.05
CA ASN A 101 11.33 -16.24 6.57
C ASN A 101 10.71 -16.82 7.84
N TYR A 102 9.68 -16.20 8.40
CA TYR A 102 9.04 -16.75 9.59
C TYR A 102 8.38 -18.09 9.30
N SER A 103 8.74 -19.10 10.10
CA SER A 103 8.16 -20.43 9.95
C SER A 103 6.84 -20.51 10.71
N VAL A 104 5.78 -20.93 10.00
CA VAL A 104 4.46 -21.03 10.60
C VAL A 104 4.30 -22.30 11.43
N THR A 105 5.30 -23.18 11.41
CA THR A 105 5.26 -24.39 12.22
C THR A 105 6.14 -24.30 13.46
N ASP A 106 7.00 -23.29 13.56
CA ASP A 106 7.80 -23.09 14.77
C ASP A 106 6.88 -22.77 15.95
N LEU A 107 6.88 -23.64 16.95
CA LEU A 107 5.97 -23.50 18.08
C LEU A 107 6.20 -22.17 18.81
N ASN A 108 7.46 -21.74 18.87
CA ASN A 108 7.76 -20.47 19.52
C ASN A 108 7.21 -19.30 18.72
N VAL A 109 7.19 -19.41 17.39
CA VAL A 109 6.73 -18.31 16.55
C VAL A 109 5.22 -18.10 16.68
N GLN A 110 4.45 -19.18 16.66
CA GLN A 110 3.00 -19.04 16.69
C GLN A 110 2.51 -18.52 18.03
N ARG A 111 3.17 -18.88 19.13
CA ARG A 111 2.79 -18.32 20.42
C ARG A 111 2.98 -16.81 20.44
N LYS A 112 4.09 -16.33 19.87
CA LYS A 112 4.32 -14.89 19.78
C LYS A 112 3.34 -14.22 18.82
N ALA A 113 2.98 -14.89 17.73
CA ALA A 113 2.02 -14.34 16.79
C ALA A 113 0.64 -14.15 17.43
N ILE A 114 0.19 -15.16 18.18
CA ILE A 114 -1.09 -15.05 18.89
C ILE A 114 -1.05 -13.92 19.92
N HIS A 115 0.11 -13.68 20.52
CA HIS A 115 0.23 -12.60 21.49
C HIS A 115 0.09 -11.24 20.82
N GLU A 116 0.86 -11.01 19.76
CA GLU A 116 0.85 -9.72 19.07
C GLU A 116 -0.41 -9.51 18.24
N LEU A 117 -1.27 -10.52 18.13
CA LEU A 117 -2.45 -10.44 17.27
C LEU A 117 -3.32 -9.24 17.62
N ILE A 118 -3.50 -8.98 18.91
CA ILE A 118 -4.41 -7.92 19.34
C ILE A 118 -3.95 -6.58 18.78
N GLN A 119 -2.68 -6.23 19.01
CA GLN A 119 -2.15 -4.96 18.56
C GLN A 119 -1.98 -4.89 17.05
N VAL A 120 -1.89 -6.04 16.37
CA VAL A 120 -1.88 -6.04 14.90
C VAL A 120 -3.24 -5.63 14.35
N MET A 121 -4.30 -6.25 14.86
CA MET A 121 -5.66 -5.88 14.44
C MET A 121 -5.96 -4.42 14.74
N ALA A 122 -5.33 -3.87 15.78
CA ALA A 122 -5.62 -2.50 16.20
C ALA A 122 -5.28 -1.48 15.13
N GLU A 123 -4.26 -1.76 14.30
CA GLU A 123 -3.82 -0.82 13.29
C GLU A 123 -3.93 -1.41 11.88
N LEU A 124 -4.80 -2.40 11.71
CA LEU A 124 -5.08 -2.91 10.37
C LEU A 124 -5.85 -1.88 9.54
N SER A 125 -6.78 -1.19 10.17
CA SER A 125 -7.55 -0.17 9.47
C SER A 125 -6.72 1.10 9.29
N PRO A 126 -7.02 1.89 8.26
CA PRO A 126 -6.27 3.14 8.05
C PRO A 126 -6.59 4.16 9.13
N ALA A 127 -5.64 5.06 9.36
CA ALA A 127 -5.82 6.12 10.35
C ALA A 127 -6.91 7.10 9.92
N GLY B 3 -16.50 -3.77 28.07
CA GLY B 3 -17.77 -3.28 27.57
C GLY B 3 -17.86 -3.34 26.06
N SER B 4 -17.77 -2.18 25.41
CA SER B 4 -17.83 -2.11 23.95
C SER B 4 -16.41 -2.15 23.43
N GLN B 5 -16.05 -3.24 22.77
CA GLN B 5 -14.73 -3.42 22.18
C GLN B 5 -14.88 -4.30 20.94
N ASP B 6 -14.00 -4.07 19.97
CA ASP B 6 -14.09 -4.79 18.72
C ASP B 6 -14.09 -6.29 18.98
N PRO B 7 -14.82 -7.08 18.18
CA PRO B 7 -15.01 -8.50 18.51
C PRO B 7 -13.74 -9.33 18.56
N TYR B 8 -12.65 -8.86 17.97
CA TYR B 8 -11.43 -9.65 17.95
C TYR B 8 -10.79 -9.72 19.34
N VAL B 9 -10.93 -8.67 20.13
CA VAL B 9 -10.27 -8.62 21.44
C VAL B 9 -10.72 -9.79 22.29
N LYS B 10 -12.03 -10.02 22.38
CA LYS B 10 -12.55 -11.14 23.16
C LYS B 10 -12.01 -12.48 22.67
N GLU B 11 -11.96 -12.67 21.34
CA GLU B 11 -11.55 -13.95 20.79
C GLU B 11 -10.04 -14.11 20.72
N ALA B 12 -9.30 -13.00 20.57
CA ALA B 12 -7.85 -13.09 20.50
C ALA B 12 -7.27 -13.55 21.82
N GLU B 13 -7.77 -13.01 22.93
CA GLU B 13 -7.30 -13.42 24.24
C GLU B 13 -7.79 -14.82 24.61
N ASN B 14 -8.83 -15.33 23.93
CA ASN B 14 -9.21 -16.73 24.11
C ASN B 14 -8.18 -17.66 23.48
N LEU B 15 -7.70 -17.32 22.28
CA LEU B 15 -6.61 -18.07 21.67
C LEU B 15 -5.32 -17.90 22.46
N LYS B 16 -5.15 -16.74 23.10
CA LYS B 16 -3.98 -16.51 23.94
C LYS B 16 -3.87 -17.56 25.02
N LYS B 17 -4.99 -17.92 25.65
CA LYS B 17 -4.98 -18.94 26.69
C LYS B 17 -4.79 -20.34 26.11
N TYR B 18 -5.38 -20.63 24.96
CA TYR B 18 -5.26 -21.97 24.38
C TYR B 18 -3.82 -22.27 23.96
N PHE B 19 -3.11 -21.26 23.48
CA PHE B 19 -1.73 -21.43 23.06
C PHE B 19 -0.73 -21.11 24.16
N ASN B 20 -1.18 -20.80 25.37
CA ASN B 20 -0.31 -20.40 26.47
C ASN B 20 0.58 -19.21 26.08
N ALA B 21 0.00 -18.24 25.39
CA ALA B 21 0.71 -17.03 24.99
C ALA B 21 0.82 -16.01 26.12
N GLY B 22 0.30 -16.29 27.31
CA GLY B 22 0.42 -15.42 28.46
C GLY B 22 1.58 -15.67 29.39
N HIS B 23 2.38 -16.70 29.15
CA HIS B 23 3.54 -17.00 29.97
C HIS B 23 4.65 -16.00 29.69
N SER B 24 5.51 -15.78 30.70
CA SER B 24 6.60 -14.81 30.58
C SER B 24 7.65 -15.19 29.55
N ASP B 25 7.65 -16.42 29.05
CA ASP B 25 8.66 -16.84 28.09
C ASP B 25 8.46 -16.27 26.69
N VAL B 26 7.27 -15.75 26.38
CA VAL B 26 7.02 -15.20 25.04
C VAL B 26 7.77 -13.89 24.81
N ALA B 27 8.13 -13.15 25.86
CA ALA B 27 8.84 -11.89 25.68
C ALA B 27 10.22 -12.09 25.09
N ASP B 28 10.78 -13.29 25.19
CA ASP B 28 12.10 -13.58 24.67
C ASP B 28 12.11 -13.53 23.15
N ASN B 29 13.31 -13.31 22.61
CA ASN B 29 13.57 -13.38 21.18
C ASN B 29 12.79 -12.30 20.41
N GLY B 30 12.81 -11.09 20.94
CA GLY B 30 12.31 -9.90 20.28
C GLY B 30 10.84 -10.01 19.90
N THR B 31 10.50 -9.39 18.76
CA THR B 31 9.15 -9.38 18.22
C THR B 31 9.17 -9.83 16.77
N LEU B 32 8.03 -10.36 16.32
CA LEU B 32 7.86 -10.71 14.91
C LEU B 32 7.38 -9.48 14.12
N PHE B 33 6.16 -9.05 14.41
CA PHE B 33 5.45 -8.05 13.61
C PHE B 33 5.43 -6.66 14.22
N LEU B 34 5.32 -6.55 15.55
CA LEU B 34 5.11 -5.25 16.18
C LEU B 34 6.27 -4.29 15.95
N GLY B 35 7.50 -4.79 16.04
CA GLY B 35 8.65 -3.92 15.83
C GLY B 35 8.75 -3.37 14.43
N ILE B 36 8.53 -4.22 13.42
CA ILE B 36 8.63 -3.78 12.03
C ILE B 36 7.53 -2.77 11.70
N LEU B 37 6.29 -3.01 12.16
CA LEU B 37 5.18 -2.14 11.81
C LEU B 37 5.37 -0.71 12.30
N LYS B 38 6.19 -0.51 13.35
CA LYS B 38 6.44 0.83 13.84
C LYS B 38 7.42 1.61 12.99
N ASN B 39 8.18 0.93 12.12
CA ASN B 39 9.12 1.61 11.24
C ASN B 39 8.43 2.26 10.03
N TRP B 40 7.25 1.78 9.66
CA TRP B 40 6.58 2.19 8.42
C TRP B 40 5.26 2.84 8.75
N LYS B 41 5.19 4.16 8.56
CA LYS B 41 3.98 4.93 8.81
C LYS B 41 3.17 5.23 7.55
N GLU B 42 3.79 5.14 6.37
CA GLU B 42 3.10 5.38 5.12
C GLU B 42 2.27 4.17 4.73
N GLU B 43 1.00 4.40 4.38
CA GLU B 43 0.06 3.29 4.19
C GLU B 43 0.55 2.36 3.10
N SER B 44 1.19 2.90 2.06
CA SER B 44 1.77 2.04 1.03
C SER B 44 2.80 1.09 1.63
N ASP B 45 3.68 1.62 2.48
CA ASP B 45 4.64 0.76 3.16
C ASP B 45 3.95 -0.17 4.14
N ARG B 46 2.90 0.31 4.82
CA ARG B 46 2.20 -0.54 5.79
C ARG B 46 1.53 -1.72 5.10
N LYS B 47 0.79 -1.44 4.02
CA LYS B 47 0.06 -2.51 3.33
C LYS B 47 1.01 -3.56 2.75
N ILE B 48 2.24 -3.16 2.42
CA ILE B 48 3.24 -4.13 1.97
C ILE B 48 3.57 -5.11 3.08
N MET B 49 3.78 -4.59 4.29
CA MET B 49 4.12 -5.46 5.43
C MET B 49 2.89 -6.19 5.93
N GLN B 50 1.77 -5.48 6.08
CA GLN B 50 0.56 -6.10 6.59
C GLN B 50 0.09 -7.26 5.71
N SER B 51 0.29 -7.15 4.40
CA SER B 51 -0.07 -8.26 3.51
C SER B 51 0.67 -9.53 3.89
N GLN B 52 1.97 -9.42 4.18
CA GLN B 52 2.73 -10.59 4.60
C GLN B 52 2.31 -11.08 5.98
N ILE B 53 1.91 -10.15 6.86
CA ILE B 53 1.45 -10.53 8.18
C ILE B 53 0.08 -11.19 8.12
N VAL B 54 -0.84 -10.60 7.35
CA VAL B 54 -2.18 -11.17 7.21
C VAL B 54 -2.10 -12.55 6.57
N SER B 55 -1.27 -12.70 5.54
CA SER B 55 -1.08 -14.01 4.93
C SER B 55 -0.51 -15.01 5.90
N PHE B 56 0.30 -14.56 6.86
CA PHE B 56 0.87 -15.46 7.84
C PHE B 56 -0.21 -16.02 8.76
N TYR B 57 -1.10 -15.15 9.24
CA TYR B 57 -2.15 -15.60 10.15
C TYR B 57 -3.11 -16.57 9.47
N PHE B 58 -3.48 -16.29 8.23
CA PHE B 58 -4.37 -17.18 7.50
C PHE B 58 -3.77 -18.57 7.34
N LYS B 59 -2.47 -18.65 7.06
CA LYS B 59 -1.81 -19.95 7.00
C LYS B 59 -1.81 -20.64 8.35
N LEU B 60 -1.54 -19.89 9.42
CA LEU B 60 -1.53 -20.47 10.77
C LEU B 60 -2.90 -21.03 11.13
N PHE B 61 -3.96 -20.26 10.88
CA PHE B 61 -5.31 -20.72 11.17
C PHE B 61 -5.67 -21.96 10.38
N LYS B 62 -5.14 -22.08 9.15
CA LYS B 62 -5.44 -23.25 8.33
C LYS B 62 -4.89 -24.53 8.95
N ASN B 63 -3.77 -24.45 9.67
CA ASN B 63 -3.20 -25.63 10.30
C ASN B 63 -4.02 -26.10 11.49
N PHE B 64 -4.66 -25.18 12.21
CA PHE B 64 -5.44 -25.52 13.40
C PHE B 64 -6.94 -25.56 13.11
N LYS B 65 -7.31 -25.86 11.87
CA LYS B 65 -8.73 -26.01 11.54
C LYS B 65 -9.33 -27.27 12.16
N ASP B 66 -8.50 -28.18 12.67
CA ASP B 66 -8.99 -29.41 13.27
C ASP B 66 -9.19 -29.30 14.78
N ASP B 67 -8.53 -28.35 15.45
CA ASP B 67 -8.76 -28.13 16.87
C ASP B 67 -10.10 -27.43 17.06
N GLN B 68 -11.16 -28.22 17.28
CA GLN B 68 -12.50 -27.65 17.42
C GLN B 68 -12.65 -26.79 18.66
N SER B 69 -11.69 -26.86 19.60
CA SER B 69 -11.76 -26.02 20.79
C SER B 69 -11.69 -24.54 20.46
N ILE B 70 -10.91 -24.18 19.44
CA ILE B 70 -10.60 -22.79 19.15
C ILE B 70 -11.22 -22.33 17.84
N GLN B 71 -12.05 -23.15 17.20
CA GLN B 71 -12.60 -22.79 15.89
C GLN B 71 -13.42 -21.50 15.98
N LYS B 72 -14.14 -21.30 17.09
CA LYS B 72 -14.89 -20.06 17.27
C LYS B 72 -13.97 -18.84 17.28
N SER B 73 -12.91 -18.88 18.10
CA SER B 73 -12.00 -17.75 18.19
C SER B 73 -11.26 -17.52 16.86
N VAL B 74 -10.89 -18.60 16.18
CA VAL B 74 -10.13 -18.48 14.94
C VAL B 74 -10.96 -17.78 13.87
N GLU B 75 -12.17 -18.29 13.61
CA GLU B 75 -12.97 -17.80 12.50
C GLU B 75 -13.54 -16.40 12.72
N THR B 76 -13.69 -15.97 13.97
CA THR B 76 -14.11 -14.60 14.24
C THR B 76 -13.02 -13.60 13.86
N ILE B 77 -11.77 -13.90 14.20
CA ILE B 77 -10.66 -13.01 13.85
C ILE B 77 -10.48 -12.95 12.34
N LYS B 78 -10.69 -14.07 11.65
CA LYS B 78 -10.58 -14.08 10.20
C LYS B 78 -11.56 -13.11 9.55
N GLU B 79 -12.81 -13.10 10.00
CA GLU B 79 -13.79 -12.18 9.45
C GLU B 79 -13.44 -10.73 9.76
N ASP B 80 -12.95 -10.47 10.97
CA ASP B 80 -12.56 -9.11 11.32
C ASP B 80 -11.37 -8.66 10.48
N MET B 81 -10.49 -9.58 10.09
CA MET B 81 -9.46 -9.24 9.13
C MET B 81 -10.06 -8.96 7.76
N ASN B 82 -11.07 -9.76 7.37
CA ASN B 82 -11.76 -9.49 6.11
C ASN B 82 -12.44 -8.12 6.12
N VAL B 83 -12.79 -7.63 7.31
CA VAL B 83 -13.45 -6.33 7.41
C VAL B 83 -12.42 -5.20 7.49
N LYS B 84 -11.44 -5.34 8.38
CA LYS B 84 -10.49 -4.25 8.60
C LYS B 84 -9.48 -4.15 7.47
N PHE B 85 -8.97 -5.29 7.01
CA PHE B 85 -7.88 -5.31 6.02
C PHE B 85 -8.38 -5.34 4.59
N PHE B 86 -9.42 -6.13 4.31
CA PHE B 86 -9.95 -6.25 2.96
C PHE B 86 -11.16 -5.34 2.72
N ASN B 87 -11.55 -4.55 3.71
CA ASN B 87 -12.63 -3.59 3.55
C ASN B 87 -13.93 -4.29 3.12
N SER B 88 -14.13 -5.51 3.61
CA SER B 88 -15.31 -6.34 3.32
C SER B 88 -15.50 -6.59 1.84
N ASN B 89 -14.43 -6.43 1.05
CA ASN B 89 -14.47 -6.68 -0.39
C ASN B 89 -14.18 -8.16 -0.64
N LYS B 90 -15.22 -8.91 -1.03
CA LYS B 90 -15.05 -10.34 -1.25
C LYS B 90 -14.05 -10.63 -2.36
N LYS B 91 -14.08 -9.81 -3.43
CA LYS B 91 -13.12 -9.99 -4.50
C LYS B 91 -11.70 -9.74 -4.00
N LYS B 92 -11.51 -8.70 -3.21
CA LYS B 92 -10.20 -8.44 -2.62
C LYS B 92 -9.75 -9.62 -1.77
N ARG B 93 -10.67 -10.18 -0.99
CA ARG B 93 -10.36 -11.35 -0.17
C ARG B 93 -10.08 -12.58 -1.03
N ASP B 94 -10.86 -12.77 -2.10
CA ASP B 94 -10.73 -13.97 -2.91
C ASP B 94 -9.48 -13.94 -3.79
N ASP B 95 -9.17 -12.77 -4.37
CA ASP B 95 -7.94 -12.63 -5.13
C ASP B 95 -6.71 -12.85 -4.26
N PHE B 96 -6.75 -12.36 -3.02
CA PHE B 96 -5.64 -12.57 -2.10
C PHE B 96 -5.39 -14.06 -1.87
N GLU B 97 -6.46 -14.83 -1.69
CA GLU B 97 -6.30 -16.26 -1.42
C GLU B 97 -5.71 -17.01 -2.61
N LYS B 98 -6.01 -16.58 -3.84
CA LYS B 98 -5.43 -17.25 -5.00
C LYS B 98 -3.92 -17.07 -5.04
N LEU B 99 -3.46 -15.83 -4.83
CA LEU B 99 -2.02 -15.55 -4.89
C LEU B 99 -1.26 -16.38 -3.87
N THR B 100 -1.82 -16.56 -2.68
CA THR B 100 -1.13 -17.32 -1.64
C THR B 100 -1.02 -18.80 -2.00
N ASN B 101 -2.13 -19.38 -2.48
CA ASN B 101 -2.20 -20.82 -2.70
C ASN B 101 -1.35 -21.30 -3.89
N TYR B 102 -0.74 -20.39 -4.65
CA TYR B 102 0.11 -20.81 -5.76
C TYR B 102 1.32 -21.58 -5.25
N SER B 103 1.53 -22.76 -5.79
CA SER B 103 2.68 -23.58 -5.41
C SER B 103 3.91 -23.13 -6.18
N VAL B 104 4.97 -22.79 -5.44
CA VAL B 104 6.21 -22.34 -6.07
C VAL B 104 7.03 -23.49 -6.62
N THR B 105 6.61 -24.73 -6.38
CA THR B 105 7.28 -25.89 -6.95
C THR B 105 6.52 -26.48 -8.13
N ASP B 106 5.28 -26.05 -8.34
CA ASP B 106 4.52 -26.49 -9.51
C ASP B 106 5.18 -25.99 -10.78
N LEU B 107 5.64 -26.93 -11.62
CA LEU B 107 6.39 -26.58 -12.81
C LEU B 107 5.57 -25.71 -13.75
N ASN B 108 4.26 -25.96 -13.82
CA ASN B 108 3.40 -25.15 -14.65
C ASN B 108 3.30 -23.72 -14.13
N VAL B 109 3.33 -23.56 -12.81
CA VAL B 109 3.18 -22.24 -12.21
C VAL B 109 4.40 -21.37 -12.43
N GLN B 110 5.61 -21.92 -12.23
CA GLN B 110 6.80 -21.09 -12.36
C GLN B 110 7.05 -20.65 -13.79
N ARG B 111 6.75 -21.49 -14.78
CA ARG B 111 6.89 -21.04 -16.15
C ARG B 111 5.93 -19.88 -16.45
N LYS B 112 4.67 -19.95 -15.97
CA LYS B 112 3.78 -18.81 -16.20
C LYS B 112 4.24 -17.57 -15.43
N ALA B 113 4.79 -17.77 -14.22
CA ALA B 113 5.31 -16.65 -13.45
C ALA B 113 6.49 -15.98 -14.15
N ILE B 114 7.42 -16.78 -14.69
CA ILE B 114 8.52 -16.21 -15.44
C ILE B 114 8.03 -15.47 -16.67
N HIS B 115 6.94 -15.94 -17.28
CA HIS B 115 6.40 -15.26 -18.46
C HIS B 115 5.81 -13.92 -18.06
N GLU B 116 4.95 -13.90 -17.06
CA GLU B 116 4.28 -12.68 -16.64
C GLU B 116 5.21 -11.72 -15.90
N LEU B 117 6.47 -12.11 -15.66
CA LEU B 117 7.38 -11.29 -14.86
C LEU B 117 7.53 -9.89 -15.42
N ILE B 118 7.63 -9.77 -16.75
CA ILE B 118 7.91 -8.49 -17.38
C ILE B 118 6.80 -7.48 -17.07
N GLN B 119 5.56 -7.86 -17.34
CA GLN B 119 4.44 -6.95 -17.12
C GLN B 119 4.16 -6.68 -15.65
N VAL B 120 4.58 -7.57 -14.75
CA VAL B 120 4.49 -7.29 -13.31
C VAL B 120 5.47 -6.19 -12.91
N MET B 121 6.74 -6.32 -13.33
CA MET B 121 7.72 -5.29 -13.06
C MET B 121 7.32 -3.95 -13.67
N ALA B 122 6.55 -3.97 -14.76
CA ALA B 122 6.19 -2.73 -15.44
C ALA B 122 5.35 -1.84 -14.53
N GLU B 123 4.57 -2.43 -13.63
CA GLU B 123 3.70 -1.66 -12.75
C GLU B 123 4.02 -1.88 -11.27
N LEU B 124 5.24 -2.31 -10.94
CA LEU B 124 5.67 -2.34 -9.54
C LEU B 124 5.81 -0.93 -8.98
N SER B 125 6.29 0.00 -9.80
CA SER B 125 6.42 1.37 -9.36
C SER B 125 5.04 2.00 -9.30
N PRO B 126 4.86 3.03 -8.48
CA PRO B 126 3.54 3.66 -8.39
C PRO B 126 3.20 4.37 -9.68
N ALA B 127 1.90 4.50 -9.93
CA ALA B 127 1.43 5.18 -11.13
C ALA B 127 1.78 6.66 -11.07
N ALA B 128 2.02 7.23 -12.26
CA ALA B 128 2.40 8.63 -12.38
C ALA B 128 1.22 9.55 -12.10
N SER C 13 2.65 -37.80 -47.53
CA SER C 13 2.16 -36.78 -46.59
C SER C 13 2.34 -35.35 -47.13
N VAL C 14 1.38 -34.49 -46.80
CA VAL C 14 1.38 -33.07 -47.21
C VAL C 14 2.53 -32.33 -46.54
N PRO C 15 3.25 -31.46 -47.26
CA PRO C 15 4.33 -30.72 -46.62
C PRO C 15 3.82 -29.57 -45.76
N THR C 16 4.55 -29.32 -44.67
CA THR C 16 4.25 -28.26 -43.72
C THR C 16 4.79 -26.91 -44.23
N PRO C 17 4.09 -25.81 -43.95
CA PRO C 17 4.61 -24.50 -44.38
C PRO C 17 5.93 -24.17 -43.71
N THR C 18 6.61 -23.15 -44.27
CA THR C 18 7.94 -22.77 -43.79
C THR C 18 8.04 -21.25 -43.73
N ASN C 19 9.06 -20.78 -43.00
CA ASN C 19 9.38 -19.35 -42.88
C ASN C 19 8.16 -18.55 -42.46
N VAL C 20 7.67 -18.85 -41.26
CA VAL C 20 6.55 -18.09 -40.69
C VAL C 20 7.09 -16.84 -40.01
N THR C 21 6.55 -15.68 -40.37
CA THR C 21 6.98 -14.42 -39.80
C THR C 21 5.77 -13.55 -39.51
N ILE C 22 5.93 -12.64 -38.56
CA ILE C 22 4.89 -11.70 -38.17
C ILE C 22 5.47 -10.29 -38.23
N GLU C 23 4.82 -9.41 -38.97
CA GLU C 23 5.27 -8.03 -39.10
C GLU C 23 4.12 -7.10 -38.70
N SER C 24 4.38 -6.22 -37.73
CA SER C 24 3.37 -5.31 -37.22
C SER C 24 3.81 -3.88 -37.44
N TYR C 25 2.90 -3.06 -37.98
CA TYR C 25 3.11 -1.63 -38.10
C TYR C 25 1.84 -0.93 -37.62
N ASN C 26 1.99 -0.02 -36.65
CA ASN C 26 0.86 0.65 -36.01
C ASN C 26 -0.13 -0.36 -35.42
N MET C 27 0.41 -1.39 -34.78
CA MET C 27 -0.37 -2.42 -34.07
C MET C 27 -1.32 -3.17 -35.00
N ASN C 28 -0.99 -3.22 -36.29
CA ASN C 28 -1.74 -4.01 -37.28
C ASN C 28 -0.80 -5.10 -37.79
N PRO C 29 -0.70 -6.22 -37.10
CA PRO C 29 0.27 -7.25 -37.47
C PRO C 29 -0.25 -8.12 -38.60
N ILE C 30 0.66 -8.51 -39.50
CA ILE C 30 0.35 -9.41 -40.60
C ILE C 30 1.22 -10.64 -40.48
N VAL C 31 0.66 -11.80 -40.76
CA VAL C 31 1.38 -13.06 -40.74
C VAL C 31 1.77 -13.43 -42.16
N TYR C 32 3.04 -13.77 -42.36
CA TYR C 32 3.56 -14.18 -43.65
C TYR C 32 4.20 -15.55 -43.53
N TRP C 33 4.17 -16.31 -44.62
CA TRP C 33 4.80 -17.62 -44.63
C TRP C 33 5.10 -17.98 -46.08
N GLU C 34 6.01 -18.93 -46.24
CA GLU C 34 6.41 -19.40 -47.56
C GLU C 34 5.93 -20.83 -47.74
N TYR C 35 5.54 -21.16 -48.97
CA TYR C 35 5.07 -22.49 -49.31
C TYR C 35 5.57 -22.83 -50.70
N GLN C 36 5.90 -24.10 -50.89
CA GLN C 36 6.42 -24.55 -52.17
C GLN C 36 5.29 -24.59 -53.20
N ILE C 37 5.67 -24.41 -54.47
CA ILE C 37 4.69 -24.44 -55.55
C ILE C 37 4.29 -25.89 -55.79
N MET C 38 3.01 -26.11 -56.06
CA MET C 38 2.46 -27.44 -56.24
C MET C 38 1.49 -27.42 -57.42
N PRO C 39 1.22 -28.58 -58.02
CA PRO C 39 0.25 -28.62 -59.12
C PRO C 39 -1.13 -28.12 -58.72
N GLN C 40 -1.62 -28.52 -57.54
CA GLN C 40 -2.89 -28.04 -57.04
C GLN C 40 -2.69 -26.70 -56.33
N VAL C 41 -3.80 -26.03 -56.07
CA VAL C 41 -3.79 -24.77 -55.33
C VAL C 41 -4.05 -25.10 -53.86
N PRO C 42 -3.09 -24.91 -52.97
CA PRO C 42 -3.32 -25.24 -51.57
C PRO C 42 -4.01 -24.09 -50.85
N VAL C 43 -4.77 -24.45 -49.83
CA VAL C 43 -5.43 -23.48 -48.97
C VAL C 43 -4.82 -23.64 -47.58
N PHE C 44 -4.82 -22.56 -46.83
CA PHE C 44 -4.18 -22.55 -45.53
C PHE C 44 -5.17 -22.08 -44.47
N THR C 45 -4.89 -22.46 -43.24
CA THR C 45 -5.64 -21.99 -42.09
C THR C 45 -4.67 -21.42 -41.08
N VAL C 46 -4.98 -20.23 -40.56
CA VAL C 46 -4.12 -19.52 -39.63
C VAL C 46 -4.82 -19.47 -38.27
N GLU C 47 -4.11 -19.89 -37.23
CA GLU C 47 -4.68 -19.98 -35.90
C GLU C 47 -3.84 -19.16 -34.91
N VAL C 48 -4.52 -18.39 -34.07
CA VAL C 48 -3.87 -17.49 -33.12
C VAL C 48 -4.18 -17.97 -31.70
N LYS C 49 -3.19 -17.84 -30.80
CA LYS C 49 -3.36 -18.19 -29.40
C LYS C 49 -2.73 -17.07 -28.58
N ASN C 50 -3.56 -16.35 -27.83
CA ASN C 50 -3.10 -15.24 -27.01
C ASN C 50 -2.78 -15.70 -25.59
N TYR C 51 -1.87 -14.97 -24.94
CA TYR C 51 -1.63 -15.16 -23.52
C TYR C 51 -2.52 -14.22 -22.73
N GLY C 52 -3.13 -14.75 -21.67
CA GLY C 52 -3.98 -13.96 -20.82
C GLY C 52 -5.47 -14.20 -20.97
N VAL C 53 -5.88 -15.28 -21.60
CA VAL C 53 -7.29 -15.63 -21.73
C VAL C 53 -7.52 -16.94 -20.99
N LYS C 54 -8.61 -17.02 -20.23
CA LYS C 54 -8.90 -18.21 -19.46
C LYS C 54 -9.16 -19.39 -20.39
N ASN C 55 -8.56 -20.53 -20.05
CA ASN C 55 -8.70 -21.76 -20.83
C ASN C 55 -8.40 -21.50 -22.30
N SER C 56 -7.23 -20.91 -22.54
CA SER C 56 -6.88 -20.39 -23.86
C SER C 56 -6.83 -21.51 -24.90
N GLU C 57 -7.48 -21.26 -26.05
CA GLU C 57 -7.44 -22.18 -27.18
C GLU C 57 -7.20 -21.39 -28.45
N TRP C 58 -6.79 -22.10 -29.49
CA TRP C 58 -6.42 -21.48 -30.75
C TRP C 58 -7.64 -20.92 -31.45
N ILE C 59 -7.58 -19.64 -31.84
CA ILE C 59 -8.68 -18.97 -32.54
C ILE C 59 -8.34 -18.94 -34.02
N ASP C 60 -9.27 -19.38 -34.85
CA ASP C 60 -9.07 -19.33 -36.29
C ASP C 60 -9.17 -17.89 -36.80
N ALA C 61 -8.16 -17.45 -37.54
CA ALA C 61 -8.14 -16.10 -38.11
C ALA C 61 -8.47 -16.12 -39.59
N CYS C 62 -7.70 -16.85 -40.38
CA CYS C 62 -7.98 -17.03 -41.80
C CYS C 62 -8.21 -18.51 -42.07
N ILE C 63 -9.28 -18.82 -42.80
CA ILE C 63 -9.73 -20.19 -43.01
C ILE C 63 -9.72 -20.50 -44.49
N ASN C 64 -9.03 -21.57 -44.87
CA ASN C 64 -8.94 -22.07 -46.24
C ASN C 64 -8.69 -20.95 -47.25
N ILE C 65 -7.59 -20.25 -47.06
CA ILE C 65 -7.23 -19.13 -47.92
C ILE C 65 -6.04 -19.56 -48.77
N SER C 66 -5.99 -19.04 -49.99
CA SER C 66 -5.03 -19.52 -50.98
C SER C 66 -3.73 -18.72 -51.02
N HIS C 67 -3.71 -17.49 -50.50
CA HIS C 67 -2.53 -16.65 -50.58
C HIS C 67 -1.71 -16.78 -49.30
N HIS C 68 -0.55 -16.11 -49.27
CA HIS C 68 0.45 -16.25 -48.23
C HIS C 68 0.44 -15.11 -47.22
N TYR C 69 -0.72 -14.64 -46.79
CA TYR C 69 -0.77 -13.61 -45.76
C TYR C 69 -2.11 -13.68 -45.04
N CYS C 70 -2.15 -13.10 -43.84
CA CYS C 70 -3.35 -13.08 -43.02
C CYS C 70 -3.24 -11.90 -42.07
N ASN C 71 -4.12 -10.92 -42.25
CA ASN C 71 -4.15 -9.74 -41.38
C ASN C 71 -4.90 -10.11 -40.10
N ILE C 72 -4.21 -10.00 -38.97
CA ILE C 72 -4.73 -10.44 -37.67
C ILE C 72 -4.90 -9.30 -36.69
N SER C 73 -5.29 -8.12 -37.19
CA SER C 73 -5.50 -6.98 -36.32
C SER C 73 -6.61 -7.21 -35.31
N ASP C 74 -7.63 -8.00 -35.67
CA ASP C 74 -8.74 -8.26 -34.76
C ASP C 74 -8.40 -9.16 -33.58
N HIS C 75 -7.36 -9.99 -33.67
CA HIS C 75 -6.98 -10.87 -32.57
C HIS C 75 -5.93 -10.27 -31.65
N VAL C 76 -5.73 -8.95 -31.70
CA VAL C 76 -4.76 -8.30 -30.83
C VAL C 76 -5.49 -7.81 -29.58
N GLY C 77 -5.22 -8.45 -28.45
CA GLY C 77 -5.74 -7.97 -27.19
C GLY C 77 -4.86 -6.88 -26.64
N ASP C 78 -4.08 -7.19 -25.61
CA ASP C 78 -3.13 -6.21 -25.10
C ASP C 78 -1.89 -6.22 -25.97
N PRO C 79 -1.48 -5.08 -26.51
CA PRO C 79 -0.25 -5.04 -27.34
C PRO C 79 1.01 -5.46 -26.61
N SER C 80 0.98 -5.59 -25.28
CA SER C 80 2.14 -6.07 -24.52
C SER C 80 2.02 -7.54 -24.12
N ASN C 81 0.90 -8.20 -24.42
CA ASN C 81 0.73 -9.61 -24.11
C ASN C 81 1.26 -10.45 -25.27
N SER C 82 1.99 -11.50 -24.94
CA SER C 82 2.52 -12.40 -25.96
C SER C 82 1.40 -13.14 -26.67
N LEU C 83 1.63 -13.43 -27.95
CA LEU C 83 0.72 -14.24 -28.75
C LEU C 83 1.52 -15.13 -29.70
N TRP C 84 0.95 -16.29 -30.01
CA TRP C 84 1.57 -17.24 -30.91
C TRP C 84 0.66 -17.49 -32.11
N VAL C 85 1.28 -17.80 -33.24
CA VAL C 85 0.58 -18.03 -34.49
C VAL C 85 1.11 -19.30 -35.13
N ARG C 86 0.20 -20.17 -35.57
CA ARG C 86 0.56 -21.38 -36.31
C ARG C 86 -0.36 -21.49 -37.52
N VAL C 87 0.16 -22.10 -38.57
CA VAL C 87 -0.54 -22.20 -39.84
C VAL C 87 -0.32 -23.58 -40.44
N LYS C 88 -1.37 -24.15 -41.01
CA LYS C 88 -1.31 -25.44 -41.68
C LYS C 88 -1.80 -25.30 -43.12
N ALA C 89 -1.44 -26.29 -43.94
CA ALA C 89 -1.76 -26.31 -45.35
C ALA C 89 -2.70 -27.48 -45.64
N ARG C 90 -3.64 -27.25 -46.55
CA ARG C 90 -4.59 -28.26 -47.03
C ARG C 90 -4.50 -28.36 -48.54
N VAL C 91 -4.29 -29.57 -49.04
CA VAL C 91 -4.33 -29.86 -50.46
C VAL C 91 -5.37 -30.94 -50.70
N GLY C 92 -6.39 -30.62 -51.49
CA GLY C 92 -7.48 -31.55 -51.64
C GLY C 92 -8.22 -31.70 -50.33
N GLN C 93 -8.14 -32.91 -49.77
CA GLN C 93 -8.72 -33.22 -48.47
C GLN C 93 -7.66 -33.66 -47.47
N LYS C 94 -6.39 -33.48 -47.79
CA LYS C 94 -5.29 -33.84 -46.90
C LYS C 94 -4.59 -32.59 -46.38
N GLU C 95 -4.30 -32.59 -45.09
CA GLU C 95 -3.70 -31.45 -44.41
C GLU C 95 -2.27 -31.77 -43.97
N SER C 96 -1.54 -30.72 -43.65
CA SER C 96 -0.14 -30.80 -43.23
C SER C 96 -0.01 -30.46 -41.76
N ALA C 97 1.18 -30.71 -41.22
CA ALA C 97 1.46 -30.35 -39.84
C ALA C 97 1.51 -28.83 -39.70
N TYR C 98 1.32 -28.37 -38.47
CA TYR C 98 1.29 -26.94 -38.20
C TYR C 98 2.70 -26.36 -38.20
N ALA C 99 2.79 -25.09 -38.61
CA ALA C 99 4.04 -24.33 -38.58
C ALA C 99 3.87 -23.20 -37.56
N LYS C 100 4.41 -23.40 -36.37
CA LYS C 100 4.25 -22.47 -35.25
C LYS C 100 5.31 -21.38 -35.31
N SER C 101 4.94 -20.18 -34.89
CA SER C 101 5.84 -19.03 -34.90
C SER C 101 6.41 -18.77 -33.52
N GLU C 102 7.45 -17.94 -33.49
CA GLU C 102 8.00 -17.45 -32.24
C GLU C 102 6.97 -16.59 -31.52
N GLU C 103 7.16 -16.41 -30.21
CA GLU C 103 6.27 -15.53 -29.47
C GLU C 103 6.38 -14.11 -30.03
N PHE C 104 5.26 -13.39 -30.04
CA PHE C 104 5.19 -12.08 -30.67
C PHE C 104 4.53 -11.10 -29.72
N ALA C 105 5.25 -10.04 -29.35
CA ALA C 105 4.72 -8.93 -28.59
C ALA C 105 4.62 -7.71 -29.49
N VAL C 106 3.39 -7.22 -29.68
CA VAL C 106 3.17 -6.09 -30.58
C VAL C 106 3.99 -4.89 -30.14
N CYS C 107 4.10 -4.68 -28.83
CA CYS C 107 4.85 -3.53 -28.32
C CYS C 107 6.35 -3.72 -28.55
N ARG C 108 6.85 -4.94 -28.41
CA ARG C 108 8.28 -5.20 -28.53
C ARG C 108 8.72 -5.35 -29.98
N ASP C 109 8.10 -6.28 -30.70
CA ASP C 109 8.54 -6.62 -32.04
C ASP C 109 7.97 -5.71 -33.12
N GLY C 110 6.85 -5.03 -32.85
CA GLY C 110 6.23 -4.17 -33.82
C GLY C 110 6.92 -2.83 -33.93
N LYS C 111 6.38 -1.99 -34.82
CA LYS C 111 6.89 -0.65 -35.06
C LYS C 111 5.72 0.33 -35.08
N ILE C 112 5.98 1.54 -34.58
CA ILE C 112 4.95 2.55 -34.45
C ILE C 112 5.32 3.73 -35.34
N GLY C 113 4.31 4.37 -35.90
CA GLY C 113 4.50 5.49 -36.79
C GLY C 113 5.07 6.70 -36.10
N PRO C 114 5.51 7.68 -36.89
CA PRO C 114 6.13 8.87 -36.33
C PRO C 114 5.06 9.86 -35.88
N PRO C 115 5.38 10.72 -34.93
CA PRO C 115 4.44 11.77 -34.54
C PRO C 115 4.39 12.87 -35.58
N LYS C 116 3.28 13.60 -35.59
CA LYS C 116 3.09 14.72 -36.49
C LYS C 116 3.51 16.00 -35.78
N LEU C 117 4.42 16.74 -36.39
CA LEU C 117 4.98 17.95 -35.80
C LEU C 117 4.40 19.19 -36.44
N ASP C 118 4.05 20.17 -35.60
CA ASP C 118 3.58 21.46 -36.04
C ASP C 118 4.37 22.53 -35.32
N ILE C 119 4.72 23.59 -36.04
CA ILE C 119 5.58 24.65 -35.53
C ILE C 119 4.92 26.00 -35.82
N ARG C 120 5.08 26.93 -34.89
CA ARG C 120 4.50 28.27 -35.05
C ARG C 120 5.29 29.23 -34.17
N LYS C 121 5.42 30.46 -34.64
CA LYS C 121 6.23 31.47 -33.97
C LYS C 121 5.37 32.32 -33.05
N GLU C 122 5.99 32.81 -31.98
CA GLU C 122 5.39 33.80 -31.10
C GLU C 122 6.39 34.94 -30.92
N GLU C 123 6.03 35.91 -30.07
CA GLU C 123 6.84 37.12 -29.94
C GLU C 123 8.22 36.84 -29.38
N LYS C 124 8.33 35.98 -28.36
CA LYS C 124 9.59 35.74 -27.68
C LYS C 124 10.03 34.29 -27.71
N GLN C 125 9.28 33.39 -28.34
CA GLN C 125 9.57 31.97 -28.27
C GLN C 125 8.98 31.28 -29.49
N ILE C 126 9.19 29.96 -29.55
CA ILE C 126 8.61 29.11 -30.59
C ILE C 126 7.85 27.99 -29.92
N MET C 127 6.60 27.79 -30.31
CA MET C 127 5.76 26.76 -29.73
C MET C 127 5.74 25.56 -30.68
N ILE C 128 6.30 24.44 -30.24
CA ILE C 128 6.38 23.22 -31.03
C ILE C 128 5.30 22.28 -30.54
N ASP C 129 4.41 21.86 -31.43
CA ASP C 129 3.35 20.93 -31.09
C ASP C 129 3.73 19.54 -31.58
N ILE C 130 3.68 18.57 -30.68
CA ILE C 130 4.02 17.19 -30.99
C ILE C 130 2.74 16.37 -30.84
N PHE C 131 2.07 16.13 -31.96
CA PHE C 131 0.85 15.33 -31.95
C PHE C 131 1.17 13.85 -31.92
N HIS C 132 0.48 13.11 -31.05
CA HIS C 132 0.72 11.69 -30.93
C HIS C 132 0.42 10.99 -32.25
N PRO C 133 1.11 9.89 -32.54
CA PRO C 133 0.78 9.12 -33.74
C PRO C 133 -0.69 8.71 -33.74
N SER C 134 -1.24 8.51 -34.93
CA SER C 134 -2.67 8.29 -35.09
C SER C 134 -3.16 7.02 -34.41
N VAL C 135 -2.25 6.18 -33.89
CA VAL C 135 -2.65 4.94 -33.26
C VAL C 135 -3.41 5.19 -31.96
N PHE C 136 -2.90 6.09 -31.12
CA PHE C 136 -3.45 6.29 -29.78
C PHE C 136 -4.65 7.23 -29.73
N VAL C 137 -4.96 7.95 -30.81
CA VAL C 137 -6.08 8.88 -30.83
C VAL C 137 -7.13 8.34 -31.79
N ASN C 138 -8.31 8.02 -31.24
CA ASN C 138 -9.40 7.47 -32.03
C ASN C 138 -10.70 7.59 -31.22
N GLY C 139 -11.81 7.64 -31.94
CA GLY C 139 -13.12 7.73 -31.32
C GLY C 139 -13.95 6.47 -31.45
N GLU C 149 -6.44 1.06 -21.69
CA GLU C 149 -5.75 0.87 -20.41
C GLU C 149 -4.68 -0.20 -20.52
N THR C 150 -3.81 -0.10 -21.53
CA THR C 150 -2.73 -1.05 -21.73
C THR C 150 -1.41 -0.50 -21.20
N ILE C 151 -0.43 -1.40 -21.12
CA ILE C 151 0.94 -0.99 -20.77
C ILE C 151 1.61 -0.23 -21.91
N CYS C 152 1.25 -0.51 -23.15
CA CYS C 152 1.98 -0.04 -24.33
C CYS C 152 1.59 1.39 -24.68
N TYR C 153 2.45 2.35 -24.35
CA TYR C 153 2.29 3.72 -24.83
C TYR C 153 3.66 4.41 -24.76
N ILE C 154 3.67 5.71 -25.09
CA ILE C 154 4.91 6.49 -25.13
C ILE C 154 5.13 7.13 -23.77
N ARG C 155 6.36 7.01 -23.27
CA ARG C 155 6.72 7.59 -21.98
C ARG C 155 7.53 8.88 -22.12
N VAL C 156 8.41 8.96 -23.12
CA VAL C 156 9.20 10.16 -23.35
C VAL C 156 9.24 10.43 -24.84
N TYR C 157 9.36 11.71 -25.19
CA TYR C 157 9.55 12.15 -26.56
C TYR C 157 10.96 12.72 -26.70
N ASN C 158 11.73 12.15 -27.62
CA ASN C 158 13.04 12.69 -27.96
C ASN C 158 12.85 13.71 -29.07
N VAL C 159 12.86 14.98 -28.73
CA VAL C 159 12.64 16.08 -29.66
C VAL C 159 13.98 16.70 -29.95
N TYR C 160 14.45 16.54 -31.18
CA TYR C 160 15.75 17.05 -31.60
C TYR C 160 15.55 18.40 -32.29
N VAL C 161 16.18 19.44 -31.75
CA VAL C 161 16.01 20.79 -32.26
C VAL C 161 17.36 21.27 -32.78
N ARG C 162 17.44 21.43 -34.09
CA ARG C 162 18.66 21.89 -34.76
C ARG C 162 18.51 23.36 -35.11
N LYS C 163 19.33 24.21 -34.48
CA LYS C 163 19.35 25.64 -34.78
C LYS C 163 20.65 25.89 -35.53
N ASN C 164 20.54 26.20 -36.81
CA ASN C 164 21.69 26.35 -37.71
C ASN C 164 22.43 25.02 -37.71
N GLY C 165 23.71 24.97 -37.31
CA GLY C 165 24.49 23.74 -37.33
C GLY C 165 24.30 22.81 -36.15
N SER C 166 23.73 23.29 -35.04
CA SER C 166 23.80 22.56 -33.78
C SER C 166 22.44 22.00 -33.37
N GLU C 167 22.47 20.77 -32.86
CA GLU C 167 21.30 20.05 -32.38
C GLU C 167 21.43 19.78 -30.89
N ILE C 168 20.32 19.93 -30.16
CA ILE C 168 20.27 19.57 -28.75
C ILE C 168 19.03 18.73 -28.53
N LYS C 169 19.16 17.66 -27.75
CA LYS C 169 18.07 16.74 -27.54
C LYS C 169 17.22 17.22 -26.38
N TYR C 170 15.91 17.24 -26.60
CA TYR C 170 14.94 17.55 -25.56
C TYR C 170 14.18 16.29 -25.18
N LYS C 171 13.60 16.30 -24.00
CA LYS C 171 12.83 15.17 -23.50
C LYS C 171 11.53 15.68 -22.90
N ILE C 172 10.41 15.21 -23.43
CA ILE C 172 9.09 15.57 -22.94
C ILE C 172 8.44 14.28 -22.47
N LEU C 173 8.12 14.23 -21.17
CA LEU C 173 7.52 13.05 -20.57
C LEU C 173 6.01 13.10 -20.71
N THR C 174 5.42 11.96 -21.08
CA THR C 174 3.97 11.90 -21.25
C THR C 174 3.23 12.14 -19.95
N GLN C 175 3.81 11.72 -18.82
CA GLN C 175 3.18 11.85 -17.51
C GLN C 175 3.02 13.31 -17.06
N ASN C 176 3.70 14.25 -17.71
CA ASN C 176 3.61 15.66 -17.32
C ASN C 176 2.29 16.22 -17.83
N GLU C 177 1.34 16.43 -16.91
CA GLU C 177 0.02 16.94 -17.31
C GLU C 177 0.08 18.38 -17.79
N ASP C 178 1.12 19.13 -17.42
CA ASP C 178 1.23 20.52 -17.83
C ASP C 178 1.84 20.65 -19.23
N ASP C 179 2.49 19.60 -19.73
CA ASP C 179 3.10 19.63 -21.06
C ASP C 179 2.41 18.75 -22.09
N CYS C 180 1.69 17.72 -21.65
CA CYS C 180 1.01 16.82 -22.58
C CYS C 180 -0.46 16.68 -22.20
N ASP C 181 -1.26 16.33 -23.19
CA ASP C 181 -2.64 15.92 -22.99
C ASP C 181 -2.93 14.77 -23.94
N GLU C 182 -4.19 14.38 -24.05
CA GLU C 182 -4.57 13.26 -24.90
C GLU C 182 -4.26 13.48 -26.37
N ILE C 183 -4.20 14.75 -26.82
CA ILE C 183 -4.07 15.03 -28.25
C ILE C 183 -2.63 15.39 -28.66
N ARG C 184 -1.90 16.06 -27.76
CA ARG C 184 -0.61 16.62 -28.18
C ARG C 184 0.34 16.73 -26.99
N CYS C 185 1.57 17.13 -27.32
CA CYS C 185 2.59 17.56 -26.37
C CYS C 185 3.26 18.79 -26.94
N GLN C 186 3.62 19.74 -26.08
CA GLN C 186 4.16 21.01 -26.52
C GLN C 186 5.55 21.22 -25.95
N LEU C 187 6.33 22.06 -26.65
CA LEU C 187 7.66 22.44 -26.20
C LEU C 187 7.90 23.89 -26.62
N ALA C 188 8.32 24.72 -25.66
CA ALA C 188 8.57 26.13 -25.90
C ALA C 188 10.05 26.42 -25.85
N ILE C 189 10.58 27.03 -26.90
CA ILE C 189 12.00 27.35 -27.05
C ILE C 189 12.13 28.85 -27.28
N PRO C 190 12.86 29.58 -26.44
CA PRO C 190 13.05 31.01 -26.69
C PRO C 190 13.96 31.25 -27.89
N VAL C 191 13.72 32.39 -28.55
CA VAL C 191 14.42 32.75 -29.77
C VAL C 191 14.77 34.22 -29.71
N SER C 192 15.62 34.64 -30.65
CA SER C 192 16.06 36.02 -30.76
C SER C 192 15.77 36.54 -32.16
N SER C 193 16.03 37.83 -32.35
CA SER C 193 15.67 38.49 -33.59
C SER C 193 16.60 38.16 -34.75
N LEU C 194 17.82 37.70 -34.46
CA LEU C 194 18.80 37.43 -35.51
C LEU C 194 18.34 36.27 -36.40
N ASN C 195 18.90 36.24 -37.60
CA ASN C 195 18.58 35.20 -38.58
C ASN C 195 18.92 33.83 -38.01
N SER C 196 17.94 32.92 -37.99
CA SER C 196 18.16 31.60 -37.43
C SER C 196 17.30 30.58 -38.17
N GLN C 197 17.82 29.36 -38.28
CA GLN C 197 17.14 28.25 -38.94
C GLN C 197 16.91 27.16 -37.90
N TYR C 198 15.66 27.01 -37.46
CA TYR C 198 15.27 25.98 -36.50
C TYR C 198 14.59 24.83 -37.24
N CYS C 199 15.22 23.66 -37.24
CA CYS C 199 14.63 22.45 -37.79
C CYS C 199 14.42 21.44 -36.67
N VAL C 200 13.21 20.87 -36.62
CA VAL C 200 12.79 20.04 -35.50
C VAL C 200 12.28 18.70 -36.03
N SER C 201 12.78 17.62 -35.44
CA SER C 201 12.26 16.27 -35.66
C SER C 201 12.10 15.60 -34.31
N ALA C 202 11.09 14.74 -34.20
CA ALA C 202 10.74 14.16 -32.91
C ALA C 202 10.43 12.68 -33.07
N GLU C 203 10.75 11.92 -32.03
CA GLU C 203 10.46 10.49 -31.99
C GLU C 203 9.95 10.14 -30.61
N GLY C 204 9.21 9.04 -30.54
CA GLY C 204 8.64 8.56 -29.29
C GLY C 204 9.32 7.29 -28.82
N VAL C 205 9.32 7.08 -27.50
CA VAL C 205 9.93 5.90 -26.89
C VAL C 205 8.85 5.16 -26.14
N LEU C 206 8.75 3.86 -26.38
CA LEU C 206 7.72 3.04 -25.76
C LEU C 206 8.07 2.75 -24.29
N ASN C 207 7.03 2.43 -23.52
CA ASN C 207 7.14 2.49 -22.06
C ASN C 207 8.05 1.40 -21.53
N VAL C 208 7.84 0.15 -21.94
CA VAL C 208 8.53 -0.98 -21.33
C VAL C 208 9.79 -1.35 -22.10
N TRP C 209 9.66 -1.60 -23.40
CA TRP C 209 10.76 -2.11 -24.20
C TRP C 209 11.60 -1.02 -24.86
N GLY C 210 11.25 0.25 -24.67
CA GLY C 210 12.02 1.33 -25.24
C GLY C 210 12.05 1.40 -26.75
N VAL C 211 11.15 0.66 -27.41
CA VAL C 211 11.10 0.68 -28.87
C VAL C 211 10.82 2.09 -29.36
N THR C 212 11.69 2.59 -30.24
CA THR C 212 11.57 3.95 -30.73
C THR C 212 10.65 3.97 -31.94
N THR C 213 9.70 4.91 -31.94
CA THR C 213 8.87 5.10 -33.12
C THR C 213 9.71 5.69 -34.25
N GLU C 214 9.12 5.70 -35.43
CA GLU C 214 9.78 6.32 -36.57
C GLU C 214 10.01 7.80 -36.32
N LYS C 215 11.11 8.32 -36.84
CA LYS C 215 11.43 9.72 -36.63
C LYS C 215 10.51 10.59 -37.48
N SER C 216 10.01 11.66 -36.89
CA SER C 216 9.05 12.53 -37.56
C SER C 216 9.71 13.24 -38.75
N LYS C 217 8.87 13.63 -39.70
CA LYS C 217 9.34 14.41 -40.82
C LYS C 217 9.83 15.77 -40.33
N GLU C 218 11.09 16.08 -40.62
CA GLU C 218 11.72 17.29 -40.12
C GLU C 218 10.98 18.53 -40.62
N VAL C 219 10.43 19.30 -39.68
CA VAL C 219 9.77 20.57 -39.98
C VAL C 219 10.69 21.70 -39.53
N CYS C 220 10.88 22.69 -40.40
CA CYS C 220 11.78 23.81 -40.14
C CYS C 220 11.00 25.11 -40.05
N ILE C 221 11.72 26.15 -39.62
CA ILE C 221 11.18 27.50 -39.55
C ILE C 221 12.36 28.47 -39.54
N THR C 222 12.13 29.69 -40.02
CA THR C 222 13.20 30.67 -40.21
C THR C 222 12.84 31.97 -39.52
N ILE C 223 13.86 32.71 -39.11
CA ILE C 223 13.69 34.02 -38.47
C ILE C 223 14.17 35.09 -39.44
N PHE C 224 13.24 35.65 -40.21
CA PHE C 224 13.63 36.63 -41.23
C PHE C 224 13.96 37.98 -40.61
N ASN C 225 13.26 38.36 -39.55
CA ASN C 225 13.43 39.67 -38.95
C ASN C 225 14.78 39.82 -38.28
N SER D 13 13.93 -25.05 53.72
CA SER D 13 13.85 -24.03 52.69
C SER D 13 12.93 -22.85 53.04
N VAL D 14 13.33 -21.68 52.58
CA VAL D 14 12.67 -20.37 52.75
C VAL D 14 11.35 -20.32 51.99
N PRO D 15 10.30 -19.74 52.57
CA PRO D 15 9.01 -19.67 51.88
C PRO D 15 8.93 -18.62 50.78
N THR D 16 8.15 -18.95 49.72
CA THR D 16 7.90 -18.11 48.54
C THR D 16 6.80 -17.09 48.82
N PRO D 17 6.88 -15.88 48.27
CA PRO D 17 5.79 -14.90 48.47
C PRO D 17 4.50 -15.36 47.81
N THR D 18 3.39 -14.69 48.17
CA THR D 18 2.07 -15.05 47.69
C THR D 18 1.28 -13.79 47.33
N ASN D 19 0.20 -13.98 46.56
CA ASN D 19 -0.73 -12.91 46.16
C ASN D 19 0.00 -11.74 45.52
N VAL D 20 0.63 -12.01 44.39
CA VAL D 20 1.26 -10.95 43.63
C VAL D 20 0.21 -10.30 42.75
N THR D 21 0.09 -8.98 42.85
CA THR D 21 -0.91 -8.23 42.10
C THR D 21 -0.27 -6.95 41.58
N ILE D 22 -0.84 -6.43 40.51
CA ILE D 22 -0.38 -5.18 39.91
C ILE D 22 -1.58 -4.26 39.77
N GLU D 23 -1.48 -3.04 40.32
CA GLU D 23 -2.53 -2.04 40.24
C GLU D 23 -1.96 -0.77 39.64
N SER D 24 -2.55 -0.30 38.54
CA SER D 24 -2.07 0.87 37.82
C SER D 24 -3.14 1.95 37.75
N TYR D 25 -2.75 3.18 38.06
CA TYR D 25 -3.59 4.35 37.88
C TYR D 25 -2.78 5.44 37.18
N ASN D 26 -3.30 5.94 36.06
CA ASN D 26 -2.59 6.92 35.23
C ASN D 26 -1.24 6.39 34.78
N MET D 27 -1.21 5.11 34.37
CA MET D 27 -0.03 4.45 33.83
C MET D 27 1.14 4.44 34.81
N ASN D 28 0.85 4.51 36.12
CA ASN D 28 1.87 4.40 37.15
C ASN D 28 1.54 3.13 37.94
N PRO D 29 1.98 1.97 37.46
CA PRO D 29 1.61 0.71 38.11
C PRO D 29 2.49 0.38 39.31
N ILE D 30 1.88 -0.20 40.34
CA ILE D 30 2.59 -0.65 41.54
C ILE D 30 2.37 -2.14 41.76
N VAL D 31 3.43 -2.85 42.18
CA VAL D 31 3.36 -4.28 42.47
C VAL D 31 3.21 -4.49 43.97
N TYR D 32 2.24 -5.31 44.37
CA TYR D 32 1.98 -5.65 45.76
C TYR D 32 2.05 -7.16 45.96
N TRP D 33 2.42 -7.57 47.17
CA TRP D 33 2.45 -9.00 47.47
C TRP D 33 2.33 -9.16 48.97
N GLU D 34 1.95 -10.36 49.39
CA GLU D 34 1.79 -10.68 50.80
C GLU D 34 2.87 -11.67 51.20
N TYR D 35 3.35 -11.53 52.43
CA TYR D 35 4.36 -12.39 52.98
C TYR D 35 4.07 -12.65 54.45
N GLN D 36 4.37 -13.86 54.89
CA GLN D 36 4.10 -14.23 56.26
C GLN D 36 5.08 -13.52 57.19
N ILE D 37 4.62 -13.26 58.41
CA ILE D 37 5.47 -12.64 59.41
C ILE D 37 6.48 -13.65 59.92
N MET D 38 7.71 -13.21 60.11
CA MET D 38 8.80 -14.08 60.51
C MET D 38 9.64 -13.39 61.56
N PRO D 39 10.42 -14.15 62.34
CA PRO D 39 11.30 -13.52 63.34
C PRO D 39 12.25 -12.51 62.70
N GLN D 40 12.84 -12.86 61.57
CA GLN D 40 13.68 -11.93 60.85
C GLN D 40 12.82 -11.02 59.97
N VAL D 41 13.42 -9.92 59.52
CA VAL D 41 12.77 -9.02 58.57
C VAL D 41 13.25 -9.41 57.17
N PRO D 42 12.37 -9.91 56.31
CA PRO D 42 12.83 -10.32 54.99
C PRO D 42 12.89 -9.12 54.06
N VAL D 43 13.80 -9.24 53.09
CA VAL D 43 13.95 -8.25 52.04
C VAL D 43 13.59 -8.95 50.72
N PHE D 44 13.08 -8.17 49.78
CA PHE D 44 12.59 -8.74 48.54
C PHE D 44 13.27 -8.04 47.36
N THR D 45 13.27 -8.75 46.24
CA THR D 45 13.74 -8.21 44.98
C THR D 45 12.64 -8.42 43.93
N VAL D 46 12.34 -7.39 43.17
CA VAL D 46 11.27 -7.41 42.18
C VAL D 46 11.89 -7.32 40.79
N GLU D 47 11.53 -8.26 39.92
CA GLU D 47 12.11 -8.33 38.58
C GLU D 47 10.99 -8.25 37.55
N VAL D 48 11.21 -7.43 36.53
CA VAL D 48 10.21 -7.16 35.49
C VAL D 48 10.76 -7.66 34.17
N LYS D 49 9.88 -8.18 33.32
CA LYS D 49 10.22 -8.64 31.98
C LYS D 49 9.17 -8.09 31.03
N ASN D 50 9.58 -7.21 30.14
CA ASN D 50 8.66 -6.58 29.19
C ASN D 50 8.60 -7.37 27.90
N TYR D 51 7.45 -7.28 27.23
CA TYR D 51 7.31 -7.81 25.88
C TYR D 51 7.64 -6.72 24.88
N GLY D 52 8.43 -7.08 23.87
CA GLY D 52 8.78 -6.15 22.81
C GLY D 52 10.17 -5.56 22.85
N VAL D 53 11.07 -6.12 23.65
CA VAL D 53 12.46 -5.68 23.69
C VAL D 53 13.34 -6.84 23.24
N LYS D 54 14.36 -6.53 22.44
CA LYS D 54 15.24 -7.55 21.91
C LYS D 54 16.02 -8.24 23.02
N ASN D 55 16.12 -9.56 22.93
CA ASN D 55 16.83 -10.38 23.92
C ASN D 55 16.32 -10.10 25.32
N SER D 56 14.99 -10.16 25.46
CA SER D 56 14.35 -9.75 26.70
C SER D 56 14.75 -10.67 27.85
N GLU D 57 15.17 -10.06 28.96
CA GLU D 57 15.44 -10.78 30.18
C GLU D 57 14.90 -9.98 31.36
N TRP D 58 14.82 -10.62 32.51
CA TRP D 58 14.21 -10.01 33.69
C TRP D 58 15.03 -8.81 34.17
N ILE D 59 14.37 -7.67 34.32
CA ILE D 59 15.03 -6.43 34.75
C ILE D 59 14.75 -6.21 36.22
N ASP D 60 15.81 -5.91 36.98
CA ASP D 60 15.66 -5.63 38.40
C ASP D 60 15.02 -4.25 38.60
N ALA D 61 13.94 -4.19 39.39
CA ALA D 61 13.28 -2.92 39.70
C ALA D 61 13.58 -2.44 41.11
N CYS D 62 13.26 -3.24 42.14
CA CYS D 62 13.57 -2.93 43.53
C CYS D 62 14.49 -4.01 44.10
N ILE D 63 15.53 -3.58 44.82
CA ILE D 63 16.59 -4.48 45.29
C ILE D 63 16.66 -4.45 46.81
N ASN D 64 16.55 -5.63 47.42
CA ASN D 64 16.67 -5.84 48.87
C ASN D 64 15.88 -4.82 49.68
N ILE D 65 14.57 -4.79 49.46
CA ILE D 65 13.69 -3.84 50.11
C ILE D 65 12.84 -4.60 51.12
N SER D 66 12.50 -3.94 52.23
CA SER D 66 11.88 -4.61 53.36
C SER D 66 10.36 -4.54 53.36
N HIS D 67 9.76 -3.61 52.62
CA HIS D 67 8.32 -3.44 52.61
C HIS D 67 7.69 -4.20 51.44
N HIS D 68 6.37 -4.17 51.37
CA HIS D 68 5.58 -5.00 50.45
C HIS D 68 5.09 -4.22 49.23
N TYR D 69 5.90 -3.36 48.62
CA TYR D 69 5.49 -2.67 47.40
C TYR D 69 6.71 -2.22 46.59
N CYS D 70 6.50 -1.96 45.30
CA CYS D 70 7.57 -1.56 44.38
C CYS D 70 6.93 -0.79 43.21
N ASN D 71 7.26 0.50 43.09
CA ASN D 71 6.73 1.36 42.03
C ASN D 71 7.52 1.15 40.72
N ILE D 72 6.81 0.79 39.64
CA ILE D 72 7.42 0.43 38.35
C ILE D 72 7.05 1.42 37.25
N SER D 73 6.93 2.71 37.58
CA SER D 73 6.59 3.67 36.52
C SER D 73 7.70 3.75 35.48
N ASP D 74 8.95 3.56 35.89
CA ASP D 74 10.07 3.63 34.96
C ASP D 74 10.18 2.44 34.01
N HIS D 75 9.62 1.28 34.37
CA HIS D 75 9.69 0.10 33.52
C HIS D 75 8.51 -0.05 32.56
N VAL D 76 7.73 1.00 32.35
CA VAL D 76 6.59 0.92 31.44
C VAL D 76 7.02 1.41 30.07
N GLY D 77 7.09 0.48 29.11
CA GLY D 77 7.35 0.84 27.74
C GLY D 77 6.07 1.27 27.04
N ASP D 78 5.53 0.40 26.20
CA ASP D 78 4.25 0.70 25.57
C ASP D 78 3.12 0.34 26.53
N PRO D 79 2.21 1.27 26.82
CA PRO D 79 1.08 0.96 27.70
C PRO D 79 0.17 -0.15 27.17
N SER D 80 0.30 -0.55 25.91
CA SER D 80 -0.47 -1.67 25.37
C SER D 80 0.34 -2.96 25.29
N ASN D 81 1.62 -2.93 25.63
CA ASN D 81 2.45 -4.12 25.62
C ASN D 81 2.36 -4.85 26.95
N SER D 82 2.21 -6.16 26.87
CA SER D 82 2.15 -6.98 28.08
C SER D 82 3.50 -6.98 28.79
N LEU D 83 3.45 -7.11 30.12
CA LEU D 83 4.63 -7.23 30.95
C LEU D 83 4.37 -8.19 32.09
N TRP D 84 5.44 -8.85 32.54
CA TRP D 84 5.37 -9.81 33.63
C TRP D 84 6.27 -9.37 34.76
N VAL D 85 5.87 -9.71 35.98
CA VAL D 85 6.57 -9.34 37.20
C VAL D 85 6.72 -10.58 38.06
N ARG D 86 7.93 -10.81 38.57
CA ARG D 86 8.19 -11.89 39.50
C ARG D 86 8.99 -11.32 40.67
N VAL D 87 8.81 -11.92 41.84
CA VAL D 87 9.42 -11.42 43.06
C VAL D 87 9.90 -12.59 43.90
N LYS D 88 11.09 -12.44 44.49
CA LYS D 88 11.66 -13.41 45.39
C LYS D 88 11.99 -12.76 46.72
N ALA D 89 12.13 -13.59 47.75
CA ALA D 89 12.39 -13.13 49.11
C ALA D 89 13.78 -13.57 49.56
N ARG D 90 14.45 -12.70 50.30
CA ARG D 90 15.74 -13.01 50.89
C ARG D 90 15.68 -12.79 52.39
N VAL D 91 16.05 -13.82 53.15
CA VAL D 91 16.17 -13.72 54.60
C VAL D 91 17.59 -14.15 54.96
N GLY D 92 18.33 -13.24 55.58
CA GLY D 92 19.73 -13.52 55.82
C GLY D 92 20.49 -13.63 54.51
N GLN D 93 21.00 -14.84 54.23
CA GLN D 93 21.71 -15.14 52.99
C GLN D 93 21.02 -16.23 52.16
N LYS D 94 19.79 -16.61 52.50
CA LYS D 94 19.05 -17.62 51.75
C LYS D 94 17.90 -16.97 51.02
N GLU D 95 17.72 -17.36 49.76
CA GLU D 95 16.69 -16.78 48.90
C GLU D 95 15.59 -17.78 48.62
N SER D 96 14.45 -17.28 48.15
CA SER D 96 13.27 -18.08 47.87
C SER D 96 12.98 -18.18 46.39
N ALA D 97 12.06 -19.08 46.06
CA ALA D 97 11.63 -19.20 44.67
C ALA D 97 10.85 -17.96 44.27
N TYR D 98 10.79 -17.71 42.97
CA TYR D 98 10.12 -16.53 42.46
C TYR D 98 8.60 -16.68 42.50
N ALA D 99 7.91 -15.57 42.69
CA ALA D 99 6.45 -15.52 42.62
C ALA D 99 6.10 -14.65 41.42
N LYS D 100 5.74 -15.31 40.32
CA LYS D 100 5.47 -14.65 39.05
C LYS D 100 4.02 -14.21 38.98
N SER D 101 3.79 -13.08 38.32
CA SER D 101 2.45 -12.52 38.20
C SER D 101 1.86 -12.83 36.83
N GLU D 102 0.56 -12.63 36.72
CA GLU D 102 -0.12 -12.73 35.44
C GLU D 102 0.34 -11.61 34.51
N GLU D 103 0.13 -11.82 33.22
CA GLU D 103 0.48 -10.79 32.24
C GLU D 103 -0.34 -9.54 32.53
N PHE D 104 0.27 -8.37 32.31
CA PHE D 104 -0.34 -7.10 32.68
C PHE D 104 -0.21 -6.13 31.51
N ALA D 105 -1.35 -5.67 31.00
CA ALA D 105 -1.39 -4.62 29.99
C ALA D 105 -1.93 -3.35 30.64
N VAL D 106 -1.10 -2.30 30.65
CA VAL D 106 -1.47 -1.04 31.28
C VAL D 106 -2.77 -0.49 30.68
N CYS D 107 -2.94 -0.63 29.37
CA CYS D 107 -4.13 -0.12 28.72
C CYS D 107 -5.36 -0.93 29.11
N ARG D 108 -5.20 -2.24 29.25
CA ARG D 108 -6.33 -3.13 29.54
C ARG D 108 -6.66 -3.17 31.03
N ASP D 109 -5.68 -3.50 31.86
CA ASP D 109 -5.93 -3.72 33.28
C ASP D 109 -5.89 -2.45 34.11
N GLY D 110 -5.24 -1.39 33.63
CA GLY D 110 -5.13 -0.16 34.38
C GLY D 110 -6.40 0.68 34.31
N LYS D 111 -6.34 1.81 34.98
CA LYS D 111 -7.45 2.75 35.02
C LYS D 111 -6.90 4.15 34.79
N ILE D 112 -7.70 4.99 34.13
CA ILE D 112 -7.27 6.32 33.74
C ILE D 112 -8.17 7.35 34.44
N GLY D 113 -7.58 8.48 34.78
CA GLY D 113 -8.27 9.55 35.45
C GLY D 113 -9.35 10.17 34.59
N PRO D 114 -10.20 10.99 35.18
CA PRO D 114 -11.31 11.57 34.45
C PRO D 114 -10.85 12.79 33.66
N PRO D 115 -11.55 13.13 32.59
CA PRO D 115 -11.22 14.37 31.87
C PRO D 115 -11.69 15.57 32.66
N LYS D 116 -11.08 16.71 32.38
CA LYS D 116 -11.44 17.95 33.04
C LYS D 116 -12.46 18.68 32.18
N LEU D 117 -13.60 19.00 32.76
CA LEU D 117 -14.70 19.64 32.05
C LEU D 117 -14.79 21.09 32.44
N ASP D 118 -15.00 21.95 31.44
CA ASP D 118 -15.22 23.37 31.64
C ASP D 118 -16.46 23.76 30.86
N ILE D 119 -17.27 24.62 31.46
CA ILE D 119 -18.54 25.03 30.86
C ILE D 119 -18.60 26.54 30.88
N ARG D 120 -19.19 27.10 29.83
CA ARG D 120 -19.30 28.54 29.67
C ARG D 120 -20.44 28.85 28.73
N LYS D 121 -21.08 29.98 28.95
CA LYS D 121 -22.25 30.36 28.17
C LYS D 121 -21.82 31.19 26.98
N GLU D 122 -22.58 31.07 25.90
CA GLU D 122 -22.42 31.93 24.73
C GLU D 122 -23.79 32.51 24.38
N GLU D 123 -23.84 33.26 23.27
CA GLU D 123 -25.07 33.97 22.94
C GLU D 123 -26.20 33.00 22.62
N LYS D 124 -25.93 31.97 21.83
CA LYS D 124 -26.95 31.04 21.38
C LYS D 124 -26.65 29.60 21.74
N GLN D 125 -25.56 29.34 22.47
CA GLN D 125 -25.11 27.98 22.73
C GLN D 125 -24.32 27.96 24.03
N ILE D 126 -23.87 26.76 24.39
CA ILE D 126 -23.00 26.53 25.53
C ILE D 126 -21.78 25.80 25.01
N MET D 127 -20.60 26.31 25.35
CA MET D 127 -19.35 25.73 24.87
C MET D 127 -18.80 24.85 25.99
N ILE D 128 -18.78 23.54 25.73
CA ILE D 128 -18.30 22.55 26.69
C ILE D 128 -16.89 22.16 26.27
N ASP D 129 -15.93 22.38 27.16
CA ASP D 129 -14.55 22.02 26.91
C ASP D 129 -14.24 20.73 27.64
N ILE D 130 -13.73 19.76 26.92
CA ILE D 130 -13.38 18.45 27.47
C ILE D 130 -11.88 18.36 27.39
N PHE D 131 -11.20 18.68 28.49
CA PHE D 131 -9.76 18.60 28.52
C PHE D 131 -9.36 17.16 28.72
N HIS D 132 -8.38 16.71 27.94
CA HIS D 132 -7.93 15.34 28.04
C HIS D 132 -7.39 15.10 29.45
N PRO D 133 -7.50 13.88 29.96
CA PRO D 133 -6.98 13.60 31.31
C PRO D 133 -5.52 13.97 31.45
N SER D 134 -5.14 14.22 32.71
CA SER D 134 -3.81 14.72 33.04
C SER D 134 -2.70 13.75 32.65
N VAL D 135 -3.03 12.56 32.18
CA VAL D 135 -1.99 11.61 31.79
C VAL D 135 -1.23 12.14 30.58
N PHE D 136 -1.95 12.62 29.56
CA PHE D 136 -1.32 13.03 28.30
C PHE D 136 -0.82 14.49 28.38
N VAL D 137 0.18 14.71 29.22
CA VAL D 137 0.78 16.03 29.43
C VAL D 137 2.20 15.95 28.89
N ASN D 138 2.53 16.77 27.89
CA ASN D 138 3.87 16.71 27.31
C ASN D 138 4.96 16.93 28.36
N GLY D 139 4.74 17.81 29.32
CA GLY D 139 5.74 18.03 30.36
C GLY D 139 6.83 19.01 30.01
N GLU D 149 3.77 7.57 20.93
CA GLU D 149 3.13 7.04 19.72
C GLU D 149 2.66 5.61 19.93
N THR D 150 1.90 5.40 21.00
CA THR D 150 1.42 4.07 21.35
C THR D 150 0.00 3.86 20.82
N ILE D 151 -0.45 2.60 20.92
CA ILE D 151 -1.81 2.26 20.55
C ILE D 151 -2.79 2.83 21.56
N CYS D 152 -2.36 3.00 22.80
CA CYS D 152 -3.26 3.31 23.92
C CYS D 152 -3.59 4.79 23.97
N TYR D 153 -4.79 5.13 23.52
CA TYR D 153 -5.33 6.46 23.69
C TYR D 153 -6.85 6.39 23.61
N ILE D 154 -7.48 7.55 23.69
CA ILE D 154 -8.93 7.66 23.66
C ILE D 154 -9.38 7.89 22.22
N ARG D 155 -10.40 7.15 21.82
CA ARG D 155 -11.00 7.23 20.48
C ARG D 155 -12.32 7.98 20.48
N VAL D 156 -13.14 7.84 21.52
CA VAL D 156 -14.40 8.56 21.60
C VAL D 156 -14.59 9.08 23.02
N TYR D 157 -15.29 10.20 23.15
CA TYR D 157 -15.68 10.76 24.44
C TYR D 157 -17.19 10.61 24.60
N ASN D 158 -17.60 9.92 25.65
CA ASN D 158 -19.00 9.81 26.03
C ASN D 158 -19.32 10.96 26.96
N VAL D 159 -19.96 12.00 26.43
CA VAL D 159 -20.28 13.21 27.17
C VAL D 159 -21.77 13.17 27.48
N TYR D 160 -22.11 13.05 28.76
CA TYR D 160 -23.49 12.96 29.21
C TYR D 160 -23.96 14.35 29.63
N VAL D 161 -25.00 14.84 28.98
CA VAL D 161 -25.54 16.18 29.20
C VAL D 161 -26.97 16.01 29.70
N ARG D 162 -27.21 16.35 30.96
CA ARG D 162 -28.52 16.25 31.57
C ARG D 162 -29.15 17.63 31.59
N LYS D 163 -30.22 17.80 30.84
CA LYS D 163 -30.98 19.05 30.79
C LYS D 163 -32.30 18.80 31.50
N ASN D 164 -32.47 19.42 32.67
CA ASN D 164 -33.64 19.23 33.53
C ASN D 164 -33.68 17.76 33.90
N GLY D 165 -34.75 17.01 33.57
CA GLY D 165 -34.86 15.65 34.05
C GLY D 165 -34.10 14.60 33.24
N SER D 166 -33.76 14.88 31.99
CA SER D 166 -33.26 13.85 31.10
C SER D 166 -31.85 14.16 30.62
N GLU D 167 -31.04 13.11 30.49
CA GLU D 167 -29.67 13.19 29.98
C GLU D 167 -29.56 12.41 28.67
N ILE D 168 -28.76 12.93 27.74
CA ILE D 168 -28.51 12.27 26.48
C ILE D 168 -27.00 12.16 26.28
N LYS D 169 -26.55 11.01 25.79
CA LYS D 169 -25.13 10.73 25.62
C LYS D 169 -24.64 11.27 24.29
N TYR D 170 -23.51 11.97 24.32
CA TYR D 170 -22.85 12.46 23.12
C TYR D 170 -21.56 11.68 22.87
N LYS D 171 -21.10 11.73 21.62
CA LYS D 171 -19.88 11.04 21.22
C LYS D 171 -19.02 12.00 20.40
N ILE D 172 -17.81 12.26 20.88
CA ILE D 172 -16.85 13.12 20.21
C ILE D 172 -15.63 12.27 19.88
N LEU D 173 -15.32 12.13 18.60
CA LEU D 173 -14.20 11.32 18.16
C LEU D 173 -12.92 12.16 18.12
N THR D 174 -11.84 11.59 18.64
CA THR D 174 -10.56 12.30 18.64
C THR D 174 -10.08 12.55 17.22
N GLN D 175 -10.40 11.64 16.29
CA GLN D 175 -9.95 11.76 14.91
C GLN D 175 -10.54 12.97 14.20
N ASN D 176 -11.60 13.56 14.74
CA ASN D 176 -12.24 14.72 14.11
C ASN D 176 -11.38 15.94 14.41
N GLU D 177 -10.65 16.43 13.40
CA GLU D 177 -9.79 17.59 13.62
C GLU D 177 -10.58 18.86 13.88
N ASP D 178 -11.85 18.90 13.48
CA ASP D 178 -12.68 20.09 13.70
C ASP D 178 -13.29 20.13 15.09
N ASP D 179 -13.31 19.00 15.81
CA ASP D 179 -13.89 18.93 17.14
C ASP D 179 -12.86 18.76 18.24
N CYS D 180 -11.68 18.24 17.93
CA CYS D 180 -10.64 18.02 18.93
C CYS D 180 -9.36 18.68 18.47
N ASP D 181 -8.52 18.99 19.44
CA ASP D 181 -7.16 19.45 19.19
C ASP D 181 -6.24 18.79 20.22
N GLU D 182 -4.98 19.25 20.23
CA GLU D 182 -3.99 18.67 21.13
C GLU D 182 -4.34 18.92 22.60
N ILE D 183 -5.09 19.97 22.89
CA ILE D 183 -5.33 20.37 24.27
C ILE D 183 -6.70 19.92 24.78
N ARG D 184 -7.71 19.93 23.92
CA ARG D 184 -9.08 19.73 24.37
C ARG D 184 -9.93 19.20 23.23
N CYS D 185 -11.20 18.93 23.55
CA CYS D 185 -12.24 18.63 22.59
C CYS D 185 -13.43 19.48 22.99
N GLN D 186 -14.15 20.00 22.02
CA GLN D 186 -15.22 20.95 22.29
C GLN D 186 -16.55 20.40 21.78
N LEU D 187 -17.63 20.86 22.42
CA LEU D 187 -18.97 20.51 22.02
C LEU D 187 -19.89 21.69 22.29
N ALA D 188 -20.67 22.08 21.30
CA ALA D 188 -21.57 23.22 21.40
C ALA D 188 -23.01 22.72 21.42
N ILE D 189 -23.77 23.13 22.43
CA ILE D 189 -25.15 22.71 22.62
C ILE D 189 -26.02 23.96 22.66
N PRO D 190 -27.01 24.10 21.78
CA PRO D 190 -27.88 25.28 21.83
C PRO D 190 -28.81 25.26 23.03
N VAL D 191 -29.16 26.46 23.50
CA VAL D 191 -29.96 26.66 24.68
C VAL D 191 -30.95 27.78 24.41
N SER D 192 -31.92 27.93 25.31
CA SER D 192 -32.93 28.98 25.21
C SER D 192 -32.93 29.80 26.50
N SER D 193 -33.71 30.88 26.49
CA SER D 193 -33.70 31.81 27.61
C SER D 193 -34.47 31.29 28.81
N LEU D 194 -35.39 30.35 28.61
CA LEU D 194 -36.19 29.84 29.71
C LEU D 194 -35.30 29.11 30.71
N ASN D 195 -35.81 28.98 31.93
CA ASN D 195 -35.06 28.32 32.99
C ASN D 195 -34.74 26.88 32.61
N SER D 196 -33.45 26.54 32.60
CA SER D 196 -33.00 25.20 32.27
C SER D 196 -31.71 24.92 33.03
N GLN D 197 -31.54 23.67 33.44
CA GLN D 197 -30.36 23.24 34.19
C GLN D 197 -29.60 22.20 33.37
N TYR D 198 -28.45 22.60 32.84
CA TYR D 198 -27.61 21.72 32.03
C TYR D 198 -26.46 21.22 32.90
N CYS D 199 -26.44 19.92 33.15
CA CYS D 199 -25.34 19.28 33.88
C CYS D 199 -24.61 18.33 32.95
N VAL D 200 -23.28 18.44 32.94
CA VAL D 200 -22.45 17.74 31.97
C VAL D 200 -21.38 16.94 32.70
N SER D 201 -21.26 15.67 32.35
CA SER D 201 -20.17 14.81 32.79
C SER D 201 -19.66 14.03 31.59
N ALA D 202 -18.35 13.77 31.55
CA ALA D 202 -17.75 13.17 30.37
C ALA D 202 -16.75 12.09 30.78
N GLU D 203 -16.67 11.07 29.94
CA GLU D 203 -15.73 9.98 30.11
C GLU D 203 -15.15 9.61 28.75
N GLY D 204 -13.96 8.99 28.78
CA GLY D 204 -13.27 8.58 27.57
C GLY D 204 -13.25 7.07 27.44
N VAL D 205 -13.19 6.59 26.20
CA VAL D 205 -13.15 5.17 25.88
C VAL D 205 -11.85 4.89 25.14
N LEU D 206 -11.12 3.89 25.61
CA LEU D 206 -9.84 3.56 25.01
C LEU D 206 -10.02 2.80 23.70
N ASN D 207 -8.98 2.86 22.86
CA ASN D 207 -9.11 2.46 21.47
C ASN D 207 -9.31 0.96 21.32
N VAL D 208 -8.47 0.17 21.98
CA VAL D 208 -8.42 -1.26 21.70
C VAL D 208 -9.36 -2.02 22.62
N TRP D 209 -9.20 -1.85 23.93
CA TRP D 209 -9.95 -2.64 24.88
C TRP D 209 -11.23 -1.96 25.35
N GLY D 210 -11.49 -0.74 24.89
CA GLY D 210 -12.71 -0.06 25.29
C GLY D 210 -12.77 0.28 26.76
N VAL D 211 -11.63 0.20 27.46
CA VAL D 211 -11.61 0.51 28.88
C VAL D 211 -12.07 1.94 29.10
N THR D 212 -13.06 2.12 29.96
CA THR D 212 -13.63 3.42 30.24
C THR D 212 -12.85 4.12 31.35
N THR D 213 -12.50 5.38 31.11
CA THR D 213 -11.88 6.19 32.15
C THR D 213 -12.91 6.54 33.22
N GLU D 214 -12.42 7.07 34.34
CA GLU D 214 -13.32 7.53 35.40
C GLU D 214 -14.18 8.68 34.89
N LYS D 215 -15.42 8.73 35.36
CA LYS D 215 -16.34 9.76 34.93
C LYS D 215 -15.96 11.10 35.54
N SER D 216 -15.99 12.15 34.71
CA SER D 216 -15.61 13.48 35.16
C SER D 216 -16.59 13.98 36.21
N LYS D 217 -16.10 14.90 37.04
CA LYS D 217 -16.99 15.53 38.00
C LYS D 217 -18.02 16.36 37.25
N GLU D 218 -19.30 16.02 37.45
CA GLU D 218 -20.37 16.65 36.71
C GLU D 218 -20.44 18.14 37.02
N VAL D 219 -20.22 18.96 36.00
CA VAL D 219 -20.30 20.41 36.12
C VAL D 219 -21.61 20.89 35.51
N CYS D 220 -22.32 21.76 36.21
CA CYS D 220 -23.63 22.24 35.80
C CYS D 220 -23.57 23.73 35.49
N ILE D 221 -24.66 24.23 34.91
CA ILE D 221 -24.81 25.67 34.65
C ILE D 221 -26.30 25.93 34.45
N THR D 222 -26.72 27.16 34.75
CA THR D 222 -28.12 27.53 34.72
C THR D 222 -28.31 28.80 33.90
N ILE D 223 -29.51 28.95 33.36
CA ILE D 223 -29.86 30.12 32.56
C ILE D 223 -30.85 31.01 33.30
N SER E 3 -34.21 -40.04 8.84
CA SER E 3 -34.58 -39.98 7.43
C SER E 3 -34.79 -38.54 6.97
N GLN E 4 -35.96 -38.25 6.41
CA GLN E 4 -36.26 -36.95 5.83
C GLN E 4 -37.50 -36.36 6.48
N LEU E 5 -37.42 -35.07 6.82
CA LEU E 5 -38.52 -34.30 7.38
C LEU E 5 -38.77 -33.07 6.51
N PRO E 6 -39.95 -32.45 6.62
CA PRO E 6 -40.18 -31.21 5.86
C PRO E 6 -39.37 -30.05 6.43
N ALA E 7 -38.78 -29.28 5.52
CA ALA E 7 -37.97 -28.15 5.93
C ALA E 7 -38.85 -27.01 6.44
N PRO E 8 -38.34 -26.19 7.36
CA PRO E 8 -39.12 -25.05 7.85
C PRO E 8 -39.49 -24.10 6.72
N GLN E 9 -40.69 -23.52 6.83
CA GLN E 9 -41.26 -22.68 5.79
C GLN E 9 -40.96 -21.21 6.02
N HIS E 10 -40.70 -20.49 4.92
CA HIS E 10 -40.55 -19.04 4.84
C HIS E 10 -39.78 -18.42 6.01
N PRO E 11 -38.46 -18.58 6.06
CA PRO E 11 -37.67 -17.91 7.08
C PRO E 11 -37.41 -16.44 6.76
N LYS E 12 -37.21 -15.65 7.81
CA LYS E 12 -37.03 -14.21 7.68
C LYS E 12 -35.95 -13.72 8.64
N ILE E 13 -35.15 -12.76 8.18
CA ILE E 13 -34.11 -12.13 9.00
C ILE E 13 -34.52 -10.69 9.27
N ARG E 14 -34.74 -10.38 10.55
CA ARG E 14 -35.12 -9.03 10.97
C ARG E 14 -33.87 -8.25 11.40
N LEU E 15 -33.46 -7.29 10.56
CA LEU E 15 -32.32 -6.42 10.85
C LEU E 15 -32.82 -5.00 11.06
N TYR E 16 -33.40 -4.75 12.24
CA TYR E 16 -33.90 -3.44 12.61
C TYR E 16 -33.09 -2.92 13.79
N ASN E 17 -32.47 -1.75 13.60
CA ASN E 17 -31.62 -1.10 14.61
C ASN E 17 -30.53 -2.09 15.01
N ALA E 18 -30.34 -2.39 16.29
CA ALA E 18 -29.33 -3.34 16.73
C ALA E 18 -29.86 -4.76 16.92
N GLU E 19 -31.13 -5.01 16.59
CA GLU E 19 -31.71 -6.34 16.79
C GLU E 19 -31.30 -7.29 15.67
N GLN E 20 -31.16 -8.58 16.04
CA GLN E 20 -30.84 -9.64 15.08
C GLN E 20 -31.64 -10.88 15.48
N VAL E 21 -32.80 -11.06 14.85
CA VAL E 21 -33.72 -12.15 15.19
C VAL E 21 -33.99 -12.96 13.93
N LEU E 22 -33.76 -14.26 14.00
CA LEU E 22 -34.12 -15.18 12.92
C LEU E 22 -35.39 -15.92 13.32
N SER E 23 -36.38 -15.86 12.44
CA SER E 23 -37.68 -16.48 12.67
C SER E 23 -38.08 -17.35 11.48
N TRP E 24 -39.03 -18.24 11.75
CA TRP E 24 -39.54 -19.17 10.75
C TRP E 24 -40.90 -19.66 11.24
N GLU E 25 -41.64 -20.25 10.31
CA GLU E 25 -42.94 -20.85 10.62
C GLU E 25 -42.73 -22.24 11.20
N PRO E 26 -43.53 -22.64 12.19
CA PRO E 26 -43.29 -23.94 12.82
C PRO E 26 -43.50 -25.09 11.85
N VAL E 27 -42.87 -26.21 12.17
CA VAL E 27 -42.98 -27.43 11.40
C VAL E 27 -43.80 -28.42 12.21
N ALA E 28 -44.89 -28.91 11.63
CA ALA E 28 -45.74 -29.87 12.28
C ALA E 28 -45.86 -31.10 11.41
N LEU E 29 -46.22 -32.21 12.03
CA LEU E 29 -46.47 -33.42 11.27
C LEU E 29 -47.88 -33.90 11.57
N SER E 30 -48.42 -34.66 10.62
CA SER E 30 -49.65 -35.41 10.86
C SER E 30 -49.42 -36.42 11.96
N ASN E 31 -48.35 -37.21 11.84
CA ASN E 31 -48.03 -38.22 12.83
C ASN E 31 -46.97 -37.62 13.75
N SER E 32 -47.42 -36.79 14.69
CA SER E 32 -46.52 -36.11 15.60
C SER E 32 -46.66 -36.66 17.00
N THR E 33 -45.61 -37.26 17.53
CA THR E 33 -45.65 -37.82 18.88
C THR E 33 -45.02 -36.89 19.92
N ARG E 34 -43.99 -36.16 19.52
CA ARG E 34 -43.24 -35.25 20.38
C ARG E 34 -42.85 -33.99 19.61
N PRO E 35 -42.58 -32.90 20.33
CA PRO E 35 -42.25 -31.64 19.65
C PRO E 35 -40.97 -31.71 18.82
N VAL E 36 -41.04 -31.05 17.66
CA VAL E 36 -39.93 -30.99 16.72
C VAL E 36 -38.95 -29.94 17.20
N VAL E 37 -37.66 -30.23 17.12
CA VAL E 37 -36.67 -29.28 17.49
C VAL E 37 -36.05 -28.70 16.23
N TYR E 38 -35.33 -27.60 16.39
CA TYR E 38 -34.69 -26.90 15.29
C TYR E 38 -33.25 -26.61 15.68
N GLN E 39 -32.41 -26.49 14.66
CA GLN E 39 -31.00 -26.17 14.84
C GLN E 39 -30.64 -25.01 13.95
N VAL E 40 -30.07 -23.97 14.53
CA VAL E 40 -29.64 -22.80 13.76
C VAL E 40 -28.13 -22.83 13.73
N GLN E 41 -27.56 -22.50 12.57
CA GLN E 41 -26.12 -22.49 12.39
C GLN E 41 -25.74 -21.23 11.64
N PHE E 42 -24.56 -20.72 11.94
CA PHE E 42 -24.05 -19.51 11.30
C PHE E 42 -22.66 -19.76 10.74
N LYS E 43 -22.31 -18.98 9.73
CA LYS E 43 -21.03 -19.12 9.05
C LYS E 43 -20.63 -17.76 8.52
N TYR E 44 -19.32 -17.52 8.50
CA TYR E 44 -18.71 -16.30 7.97
C TYR E 44 -18.41 -16.42 6.49
N THR E 45 -17.63 -15.45 5.99
CA THR E 45 -17.45 -15.31 4.54
C THR E 45 -16.80 -16.57 3.99
N ASP E 46 -15.71 -17.00 4.60
CA ASP E 46 -15.02 -18.23 4.22
C ASP E 46 -14.67 -19.01 5.50
N SER E 47 -15.66 -19.72 6.07
CA SER E 47 -15.45 -20.31 7.39
C SER E 47 -16.14 -21.67 7.47
N LYS E 48 -16.10 -22.26 8.67
CA LYS E 48 -16.75 -23.53 8.95
C LYS E 48 -18.11 -23.25 9.62
N TRP E 49 -19.05 -24.17 9.42
CA TRP E 49 -20.35 -24.03 10.06
C TRP E 49 -20.25 -24.31 11.56
N PHE E 50 -20.82 -23.42 12.36
CA PHE E 50 -20.87 -23.60 13.81
C PHE E 50 -22.32 -23.79 14.24
N THR E 51 -22.53 -24.64 15.24
CA THR E 51 -23.85 -24.75 15.88
C THR E 51 -24.04 -23.56 16.82
N ALA E 52 -25.24 -23.00 16.82
CA ALA E 52 -25.56 -21.83 17.65
C ALA E 52 -25.86 -22.22 19.08
N ASP E 53 -24.82 -22.29 19.91
CA ASP E 53 -24.89 -22.69 21.31
C ASP E 53 -24.31 -21.59 22.20
N ILE E 54 -24.61 -21.69 23.51
CA ILE E 54 -24.27 -20.64 24.47
C ILE E 54 -22.80 -20.23 24.41
N MET E 55 -21.92 -21.17 24.08
CA MET E 55 -20.50 -20.83 23.98
C MET E 55 -20.20 -20.02 22.72
N SER E 56 -20.77 -20.41 21.58
CA SER E 56 -20.44 -19.76 20.32
C SER E 56 -20.98 -18.34 20.24
N ILE E 57 -22.28 -18.15 20.50
CA ILE E 57 -22.93 -16.87 20.28
C ILE E 57 -23.62 -16.31 21.53
N GLY E 58 -23.59 -17.03 22.64
CA GLY E 58 -24.15 -16.49 23.86
C GLY E 58 -25.64 -16.71 24.01
N VAL E 59 -26.28 -17.41 23.08
CA VAL E 59 -27.66 -17.83 23.26
C VAL E 59 -27.78 -19.26 22.76
N ASN E 60 -28.73 -19.99 23.33
CA ASN E 60 -28.86 -21.42 23.03
C ASN E 60 -29.96 -21.56 21.97
N CYS E 61 -29.56 -21.85 20.74
CA CYS E 61 -30.43 -21.95 19.56
C CYS E 61 -30.32 -23.30 18.88
N THR E 62 -29.89 -24.32 19.60
CA THR E 62 -29.80 -25.68 19.11
C THR E 62 -30.75 -26.55 19.93
N GLN E 63 -31.49 -27.43 19.24
CA GLN E 63 -32.49 -28.27 19.88
C GLN E 63 -33.46 -27.43 20.71
N ILE E 64 -33.95 -26.30 20.11
CA ILE E 64 -34.87 -25.43 20.82
C ILE E 64 -36.29 -25.59 20.34
N THR E 65 -37.23 -25.45 21.27
CA THR E 65 -38.62 -25.67 20.94
C THR E 65 -39.22 -24.45 20.25
N ALA E 66 -38.68 -23.27 20.53
CA ALA E 66 -39.21 -22.04 19.98
C ALA E 66 -39.01 -22.01 18.47
N THR E 67 -39.85 -21.23 17.79
CA THR E 67 -39.77 -21.03 16.36
C THR E 67 -39.07 -19.72 16.00
N GLU E 68 -38.16 -19.27 16.87
CA GLU E 68 -37.37 -18.07 16.63
C GLU E 68 -36.12 -18.14 17.49
N CYS E 69 -35.14 -17.30 17.15
CA CYS E 69 -33.86 -17.26 17.87
C CYS E 69 -33.31 -15.84 17.87
N ASP E 70 -33.09 -15.30 19.07
CA ASP E 70 -32.64 -13.92 19.27
C ASP E 70 -31.18 -13.86 19.68
N PHE E 71 -30.32 -13.40 18.77
CA PHE E 71 -28.89 -13.36 19.05
C PHE E 71 -28.52 -12.20 19.97
N THR E 72 -29.30 -11.11 19.96
CA THR E 72 -28.97 -9.88 20.66
C THR E 72 -29.67 -9.69 22.01
N ALA E 73 -30.36 -10.71 22.52
CA ALA E 73 -31.18 -10.52 23.72
C ALA E 73 -30.34 -10.44 24.99
N ALA E 74 -29.20 -11.13 25.03
CA ALA E 74 -28.47 -11.37 26.26
C ALA E 74 -27.91 -10.09 26.87
N SER E 75 -27.17 -9.30 26.11
CA SER E 75 -26.41 -8.20 26.69
C SER E 75 -26.10 -7.18 25.61
N PRO E 76 -25.69 -5.96 25.98
CA PRO E 76 -25.27 -5.00 24.96
C PRO E 76 -24.07 -5.55 24.20
N SER E 77 -24.01 -5.22 22.91
CA SER E 77 -22.94 -5.65 22.01
C SER E 77 -22.90 -7.16 21.81
N ALA E 78 -23.82 -7.93 22.41
CA ALA E 78 -23.86 -9.36 22.16
C ALA E 78 -24.49 -9.65 20.80
N GLY E 79 -24.16 -10.80 20.26
CA GLY E 79 -24.62 -11.17 18.94
C GLY E 79 -23.50 -11.08 17.91
N PHE E 80 -23.89 -11.05 16.64
CA PHE E 80 -22.87 -10.98 15.60
C PHE E 80 -22.37 -9.55 15.45
N PRO E 81 -21.06 -9.36 15.31
CA PRO E 81 -20.51 -8.02 15.08
C PRO E 81 -21.09 -7.38 13.83
N MET E 82 -21.44 -6.09 13.94
CA MET E 82 -22.13 -5.42 12.85
C MET E 82 -21.27 -5.28 11.60
N ASP E 83 -19.98 -5.56 11.69
CA ASP E 83 -19.12 -5.56 10.52
C ASP E 83 -19.11 -6.90 9.80
N PHE E 84 -19.44 -8.00 10.50
CA PHE E 84 -19.16 -9.31 9.97
C PHE E 84 -20.11 -9.70 8.85
N ASN E 85 -19.63 -10.59 7.98
CA ASN E 85 -20.40 -11.22 6.91
C ASN E 85 -20.85 -12.57 7.43
N VAL E 86 -22.12 -12.65 7.82
CA VAL E 86 -22.66 -13.82 8.51
C VAL E 86 -23.68 -14.48 7.59
N THR E 87 -23.60 -15.80 7.48
CA THR E 87 -24.56 -16.61 6.74
C THR E 87 -25.20 -17.60 7.68
N LEU E 88 -26.54 -17.66 7.68
CA LEU E 88 -27.29 -18.53 8.56
C LEU E 88 -27.98 -19.63 7.76
N ARG E 89 -28.14 -20.79 8.39
CA ARG E 89 -28.92 -21.89 7.83
C ARG E 89 -29.70 -22.56 8.95
N LEU E 90 -30.76 -23.27 8.57
CA LEU E 90 -31.73 -23.76 9.53
C LEU E 90 -32.29 -25.11 9.07
N ARG E 91 -32.62 -25.96 10.04
CA ARG E 91 -33.27 -27.23 9.76
C ARG E 91 -34.07 -27.69 10.97
N ALA E 92 -35.11 -28.48 10.72
CA ALA E 92 -35.90 -29.10 11.77
C ALA E 92 -35.53 -30.58 11.90
N GLU E 93 -35.49 -31.06 13.13
CA GLU E 93 -35.10 -32.44 13.41
C GLU E 93 -35.94 -33.01 14.54
N LEU E 94 -36.23 -34.31 14.46
CA LEU E 94 -36.96 -35.03 15.50
C LEU E 94 -36.14 -36.28 15.81
N GLY E 95 -35.19 -36.16 16.73
CA GLY E 95 -34.30 -37.26 17.06
C GLY E 95 -33.35 -37.66 15.94
N ALA E 96 -33.39 -38.91 15.48
CA ALA E 96 -32.50 -39.32 14.39
C ALA E 96 -32.89 -38.72 13.03
N LEU E 97 -34.16 -38.36 12.84
CA LEU E 97 -34.61 -37.75 11.59
C LEU E 97 -34.27 -36.27 11.56
N HIS E 98 -33.84 -35.81 10.39
CA HIS E 98 -33.54 -34.41 10.19
C HIS E 98 -33.89 -34.01 8.76
N SER E 99 -34.17 -32.72 8.59
CA SER E 99 -34.61 -32.15 7.32
C SER E 99 -33.44 -31.52 6.57
N ALA E 100 -33.73 -31.02 5.38
CA ALA E 100 -32.73 -30.33 4.58
C ALA E 100 -32.39 -28.98 5.17
N TRP E 101 -31.21 -28.47 4.78
CA TRP E 101 -30.74 -27.18 5.25
C TRP E 101 -31.37 -26.06 4.42
N VAL E 102 -32.07 -25.15 5.10
CA VAL E 102 -32.60 -23.93 4.47
C VAL E 102 -31.55 -22.83 4.68
N THR E 103 -30.88 -22.44 3.60
CA THR E 103 -29.76 -21.51 3.68
C THR E 103 -30.25 -20.11 3.38
N MET E 104 -30.06 -19.21 4.33
CA MET E 104 -30.44 -17.81 4.22
C MET E 104 -29.42 -17.08 3.35
N PRO E 105 -29.78 -15.92 2.80
CA PRO E 105 -28.76 -15.13 2.09
C PRO E 105 -27.74 -14.56 3.06
N TRP E 106 -26.53 -14.35 2.55
CA TRP E 106 -25.50 -13.78 3.40
C TRP E 106 -25.89 -12.34 3.72
N PHE E 107 -25.49 -11.85 4.89
CA PHE E 107 -25.83 -10.49 5.25
C PHE E 107 -24.69 -9.87 6.03
N GLN E 108 -24.48 -8.58 5.82
CA GLN E 108 -23.66 -7.77 6.69
C GLN E 108 -24.58 -6.79 7.39
N HIS E 109 -24.44 -6.68 8.72
CA HIS E 109 -25.44 -5.96 9.52
C HIS E 109 -25.58 -4.53 9.05
N TYR E 110 -24.46 -3.83 8.85
CA TYR E 110 -24.49 -2.47 8.35
C TYR E 110 -25.11 -2.38 6.96
N ARG E 111 -25.05 -3.44 6.16
CA ARG E 111 -25.52 -3.36 4.78
C ARG E 111 -27.03 -3.62 4.63
N ASN E 112 -27.64 -4.43 5.49
CA ASN E 112 -29.06 -4.80 5.30
C ASN E 112 -29.95 -4.24 6.40
N VAL E 113 -29.41 -3.47 7.34
CA VAL E 113 -30.24 -3.04 8.45
C VAL E 113 -31.26 -2.03 7.94
N THR E 114 -32.44 -2.05 8.54
CA THR E 114 -33.46 -1.02 8.35
C THR E 114 -33.42 -0.09 9.55
N VAL E 115 -32.91 1.11 9.33
CA VAL E 115 -32.65 2.03 10.43
C VAL E 115 -33.94 2.72 10.81
N GLY E 116 -34.20 2.80 12.12
CA GLY E 116 -35.39 3.43 12.64
C GLY E 116 -35.22 4.91 12.90
N PRO E 117 -36.30 5.56 13.31
CA PRO E 117 -36.25 7.02 13.55
C PRO E 117 -35.55 7.33 14.86
N PRO E 118 -35.09 8.57 15.02
CA PRO E 118 -34.48 8.97 16.31
C PRO E 118 -35.47 8.88 17.46
N GLU E 119 -34.97 8.42 18.60
CA GLU E 119 -35.79 8.21 19.78
C GLU E 119 -35.74 9.43 20.69
N ASN E 120 -36.80 9.61 21.47
CA ASN E 120 -36.88 10.66 22.49
C ASN E 120 -36.59 12.04 21.90
N ILE E 121 -37.47 12.47 21.00
CA ILE E 121 -37.31 13.77 20.34
C ILE E 121 -37.91 14.85 21.25
N GLU E 122 -37.12 15.87 21.56
CA GLU E 122 -37.56 16.97 22.40
C GLU E 122 -37.30 18.29 21.68
N VAL E 123 -38.31 19.15 21.62
CA VAL E 123 -38.23 20.42 20.92
C VAL E 123 -38.60 21.54 21.88
N THR E 124 -37.75 22.56 21.96
CA THR E 124 -37.97 23.75 22.79
C THR E 124 -37.89 24.99 21.90
N PRO E 125 -38.85 25.92 21.97
CA PRO E 125 -38.82 27.05 21.04
C PRO E 125 -37.80 28.12 21.42
N GLY E 126 -37.29 28.79 20.38
CA GLY E 126 -36.40 29.92 20.54
C GLY E 126 -36.76 31.07 19.61
N GLU E 127 -36.03 32.18 19.77
CA GLU E 127 -36.23 33.37 18.94
C GLU E 127 -35.88 33.13 17.47
N GLY E 128 -36.90 32.95 16.64
CA GLY E 128 -36.64 32.66 15.24
C GLY E 128 -35.87 31.38 15.05
N SER E 129 -36.09 30.39 15.91
CA SER E 129 -35.36 29.13 15.84
C SER E 129 -36.11 28.08 16.64
N LEU E 130 -35.68 26.83 16.46
CA LEU E 130 -36.19 25.68 17.19
C LEU E 130 -35.00 24.78 17.47
N ILE E 131 -34.85 24.36 18.73
CA ILE E 131 -33.76 23.48 19.13
C ILE E 131 -34.31 22.06 19.22
N ILE E 132 -33.59 21.12 18.61
CA ILE E 132 -34.00 19.72 18.55
C ILE E 132 -32.91 18.90 19.23
N ARG E 133 -33.30 18.13 20.24
CA ARG E 133 -32.43 17.16 20.88
C ARG E 133 -33.08 15.79 20.79
N PHE E 134 -32.28 14.78 20.44
CA PHE E 134 -32.83 13.45 20.21
C PHE E 134 -31.77 12.40 20.50
N SER E 135 -32.22 11.17 20.67
CA SER E 135 -31.34 10.03 20.88
C SER E 135 -31.03 9.35 19.55
N SER E 136 -29.88 8.66 19.51
CA SER E 136 -29.49 7.94 18.31
C SER E 136 -30.40 6.73 18.09
N PRO E 137 -30.59 6.32 16.83
CA PRO E 137 -31.41 5.12 16.58
C PRO E 137 -30.89 3.88 17.28
N PHE E 138 -29.58 3.71 17.36
CA PHE E 138 -28.97 2.66 18.16
C PHE E 138 -27.52 3.02 18.44
N ASP E 139 -26.96 2.39 19.45
CA ASP E 139 -25.61 2.68 19.93
C ASP E 139 -24.60 1.87 19.12
N ILE E 140 -23.65 2.57 18.49
CA ILE E 140 -22.61 1.93 17.69
C ILE E 140 -21.34 1.85 18.53
N ALA E 141 -20.69 0.68 18.52
CA ALA E 141 -19.47 0.49 19.30
C ALA E 141 -18.33 1.34 18.77
N ASP E 142 -18.01 1.19 17.49
CA ASP E 142 -16.91 1.93 16.86
C ASP E 142 -17.53 2.99 15.96
N THR E 143 -17.43 4.25 16.38
CA THR E 143 -17.98 5.36 15.59
C THR E 143 -17.15 5.61 14.33
N SER E 144 -15.85 5.31 14.37
CA SER E 144 -14.99 5.59 13.22
C SER E 144 -15.39 4.75 12.01
N THR E 145 -15.83 3.52 12.23
CA THR E 145 -16.22 2.65 11.12
C THR E 145 -17.63 2.97 10.61
N ALA E 146 -18.52 3.41 11.50
CA ALA E 146 -19.88 3.75 11.11
C ALA E 146 -20.43 4.80 12.06
N PHE E 147 -21.22 5.72 11.51
CA PHE E 147 -21.81 6.82 12.28
C PHE E 147 -23.14 7.20 11.64
N PHE E 148 -23.81 8.17 12.23
CA PHE E 148 -25.13 8.60 11.78
C PHE E 148 -25.10 10.03 11.24
N CYS E 149 -25.88 10.26 10.18
CA CYS E 149 -26.14 11.59 9.64
C CYS E 149 -27.64 11.85 9.72
N TYR E 150 -28.02 12.94 10.38
CA TYR E 150 -29.42 13.26 10.65
C TYR E 150 -29.94 14.40 9.79
N TYR E 151 -31.21 14.28 9.42
CA TYR E 151 -31.93 15.27 8.60
C TYR E 151 -33.22 15.68 9.28
N VAL E 152 -33.50 16.99 9.26
CA VAL E 152 -34.72 17.55 9.81
C VAL E 152 -35.54 18.14 8.66
N HIS E 153 -36.75 17.60 8.45
CA HIS E 153 -37.68 18.10 7.43
C HIS E 153 -38.66 19.04 8.12
N TYR E 154 -38.45 20.34 7.92
CA TYR E 154 -39.22 21.40 8.54
C TYR E 154 -39.94 22.19 7.46
N TRP E 155 -41.07 22.79 7.84
CA TRP E 155 -41.85 23.58 6.90
C TRP E 155 -42.84 24.40 7.72
N GLU E 156 -43.12 25.60 7.24
CA GLU E 156 -44.19 26.35 7.87
C GLU E 156 -45.50 25.62 7.58
N LYS E 157 -46.42 25.69 8.53
CA LYS E 157 -47.72 25.06 8.34
C LYS E 157 -48.35 25.63 7.07
N GLY E 158 -48.75 24.74 6.16
CA GLY E 158 -49.21 25.15 4.86
C GLY E 158 -48.12 25.57 3.90
N GLY E 159 -46.85 25.34 4.24
CA GLY E 159 -45.73 25.72 3.40
C GLY E 159 -45.13 24.53 2.66
N ILE E 160 -44.09 24.82 1.86
CA ILE E 160 -43.39 23.83 1.04
C ILE E 160 -42.29 23.20 1.88
N GLN E 161 -41.92 21.96 1.57
CA GLN E 161 -40.92 21.27 2.36
C GLN E 161 -39.58 21.99 2.30
N GLN E 162 -38.84 21.94 3.42
CA GLN E 162 -37.46 22.38 3.49
C GLN E 162 -36.69 21.40 4.34
N VAL E 163 -35.47 21.05 3.90
CA VAL E 163 -34.66 20.04 4.56
C VAL E 163 -33.35 20.67 5.00
N LYS E 164 -33.14 20.77 6.31
CA LYS E 164 -31.86 21.21 6.83
C LYS E 164 -31.05 19.98 7.25
N GLY E 165 -29.79 19.92 6.83
CA GLY E 165 -28.92 18.82 7.13
C GLY E 165 -28.01 18.51 5.95
N PRO E 166 -27.10 17.55 6.14
CA PRO E 166 -26.99 16.73 7.35
C PRO E 166 -26.01 17.35 8.35
N PHE E 167 -26.12 16.91 9.61
CA PHE E 167 -25.32 17.38 10.72
C PHE E 167 -24.97 16.22 11.66
N ARG E 168 -23.76 16.29 12.21
CA ARG E 168 -23.24 15.21 13.05
C ARG E 168 -23.80 15.23 14.47
N SER E 169 -24.10 16.40 15.01
CA SER E 169 -24.53 16.51 16.41
C SER E 169 -25.93 15.95 16.62
N ASN E 170 -26.20 15.54 17.87
CA ASN E 170 -27.51 15.08 18.32
C ASN E 170 -28.37 16.25 18.76
N SER E 171 -27.88 17.47 18.58
CA SER E 171 -28.57 18.70 18.88
C SER E 171 -28.37 19.66 17.72
N ILE E 172 -29.43 20.33 17.28
CA ILE E 172 -29.35 21.20 16.12
C ILE E 172 -30.25 22.41 16.37
N SER E 173 -29.87 23.54 15.78
CA SER E 173 -30.62 24.79 15.88
C SER E 173 -31.18 25.16 14.52
N LEU E 174 -32.51 25.30 14.44
CA LEU E 174 -33.19 25.67 13.20
C LEU E 174 -33.25 27.20 13.07
N ASP E 175 -32.10 27.81 12.81
CA ASP E 175 -32.02 29.27 12.79
C ASP E 175 -32.73 29.87 11.57
N ASN E 176 -32.92 31.19 11.63
CA ASN E 176 -33.57 31.98 10.58
C ASN E 176 -34.96 31.45 10.24
N LEU E 177 -35.86 31.62 11.20
CA LEU E 177 -37.27 31.30 11.04
C LEU E 177 -38.12 32.53 11.35
N LYS E 178 -39.32 32.56 10.78
CA LYS E 178 -40.25 33.65 11.04
C LYS E 178 -40.70 33.54 12.49
N PRO E 179 -40.50 34.55 13.33
CA PRO E 179 -40.82 34.41 14.75
C PRO E 179 -42.32 34.36 14.98
N SER E 180 -42.71 33.64 16.03
CA SER E 180 -44.11 33.46 16.40
C SER E 180 -44.90 32.81 15.26
N ARG E 181 -44.32 31.88 14.54
CA ARG E 181 -45.06 31.20 13.48
C ARG E 181 -44.90 29.71 13.73
N VAL E 182 -45.90 28.96 13.31
CA VAL E 182 -45.92 27.53 13.55
C VAL E 182 -45.13 26.82 12.47
N TYR E 183 -44.19 25.98 12.91
CA TYR E 183 -43.38 25.13 12.06
C TYR E 183 -43.53 23.68 12.50
N CYS E 184 -43.60 22.79 11.52
CA CYS E 184 -43.68 21.35 11.74
C CYS E 184 -42.38 20.68 11.30
N LEU E 185 -41.98 19.62 12.01
CA LEU E 185 -40.67 19.03 11.78
C LEU E 185 -40.76 17.52 11.78
N GLN E 186 -39.79 16.91 11.11
CA GLN E 186 -39.59 15.47 11.14
C GLN E 186 -38.10 15.23 11.23
N VAL E 187 -37.70 14.23 12.00
CA VAL E 187 -36.29 13.90 12.17
C VAL E 187 -36.07 12.54 11.53
N GLN E 188 -35.02 12.44 10.70
CA GLN E 188 -34.71 11.22 9.98
C GLN E 188 -33.21 11.01 9.99
N ALA E 189 -32.78 9.80 10.33
CA ALA E 189 -31.35 9.54 10.39
C ALA E 189 -30.91 8.80 9.14
N GLN E 190 -29.61 8.79 8.90
CA GLN E 190 -29.05 8.13 7.72
C GLN E 190 -27.71 7.53 8.13
N LEU E 191 -27.63 6.20 8.11
CA LEU E 191 -26.41 5.48 8.48
C LEU E 191 -25.40 5.44 7.33
N LEU E 192 -24.18 5.90 7.62
CA LEU E 192 -23.11 5.96 6.63
C LEU E 192 -22.00 4.99 7.01
N TRP E 193 -21.72 4.05 6.11
CA TRP E 193 -20.61 3.10 6.28
C TRP E 193 -19.57 3.40 5.21
N ASN E 194 -18.36 3.76 5.63
CA ASN E 194 -17.33 4.22 4.70
C ASN E 194 -16.84 3.12 3.75
N LYS E 195 -16.83 1.86 4.18
CA LYS E 195 -16.41 0.82 3.26
C LYS E 195 -17.37 0.63 2.09
N SER E 196 -18.67 0.55 2.38
CA SER E 196 -19.64 0.30 1.33
C SER E 196 -19.75 1.50 0.41
N ASN E 197 -19.50 2.72 0.93
CA ASN E 197 -19.83 3.98 0.25
C ASN E 197 -21.26 3.99 -0.30
N ILE E 198 -22.15 3.19 0.31
CA ILE E 198 -23.59 3.25 0.06
C ILE E 198 -24.25 3.53 1.39
N PHE E 199 -25.41 4.17 1.33
CA PHE E 199 -26.08 4.75 2.50
C PHE E 199 -27.38 4.03 2.83
N ARG E 200 -27.71 4.03 4.11
CA ARG E 200 -28.98 3.49 4.58
C ARG E 200 -29.94 4.63 4.90
N VAL E 201 -31.06 4.69 4.19
CA VAL E 201 -32.02 5.77 4.43
C VAL E 201 -32.88 5.36 5.62
N GLY E 202 -32.83 6.15 6.70
CA GLY E 202 -33.61 5.82 7.88
C GLY E 202 -35.07 6.17 7.73
N HIS E 203 -35.88 5.61 8.63
CA HIS E 203 -37.31 5.86 8.62
C HIS E 203 -37.58 7.21 9.29
N LEU E 204 -38.63 7.89 8.83
CA LEU E 204 -38.94 9.19 9.39
C LEU E 204 -39.73 9.07 10.70
N SER E 205 -39.56 10.07 11.55
CA SER E 205 -40.31 10.12 12.80
C SER E 205 -41.69 10.73 12.58
N ASN E 206 -42.50 10.69 13.64
CA ASN E 206 -43.84 11.27 13.63
C ASN E 206 -43.80 12.78 13.46
N ILE E 207 -44.86 13.33 12.89
CA ILE E 207 -44.96 14.77 12.72
C ILE E 207 -45.22 15.45 14.06
N SER E 208 -44.55 16.58 14.27
CA SER E 208 -44.76 17.40 15.45
C SER E 208 -44.53 18.86 15.10
N CYS E 209 -45.51 19.71 15.38
CA CYS E 209 -45.47 21.13 15.03
C CYS E 209 -45.19 21.97 16.26
N TYR E 210 -44.40 23.03 16.09
CA TYR E 210 -44.04 23.92 17.18
C TYR E 210 -43.98 25.37 16.72
N GLU E 211 -44.19 26.28 17.68
CA GLU E 211 -44.22 27.72 17.45
C GLU E 211 -42.96 28.38 17.97
N THR E 212 -42.40 29.26 17.15
CA THR E 212 -41.21 30.00 17.51
C THR E 212 -41.60 31.06 18.54
N MET E 213 -40.59 31.71 19.13
CA MET E 213 -40.84 32.72 20.14
C MET E 213 -41.28 33.99 19.43
N ALA E 214 -41.62 35.02 20.20
CA ALA E 214 -42.07 36.23 19.54
C ALA E 214 -40.87 37.09 19.16
N ASP E 215 -40.01 37.40 20.10
CA ASP E 215 -38.87 38.20 19.71
C ASP E 215 -37.64 37.58 20.33
N SER F 3 49.60 -18.56 -2.85
CA SER F 3 49.63 -18.15 -1.46
C SER F 3 49.01 -16.77 -1.28
N GLN F 4 49.76 -15.84 -0.69
CA GLN F 4 49.27 -14.52 -0.34
C GLN F 4 50.13 -13.47 -1.05
N LEU F 5 49.47 -12.45 -1.59
CA LEU F 5 50.14 -11.35 -2.27
C LEU F 5 49.79 -10.01 -1.63
N PRO F 6 50.58 -8.97 -1.90
CA PRO F 6 50.22 -7.63 -1.41
C PRO F 6 49.00 -7.09 -2.14
N ALA F 7 48.09 -6.49 -1.37
CA ALA F 7 46.86 -5.97 -1.93
C ALA F 7 47.10 -4.71 -2.75
N PRO F 8 46.28 -4.47 -3.78
CA PRO F 8 46.41 -3.25 -4.59
C PRO F 8 46.24 -2.00 -3.73
N GLN F 9 47.01 -0.97 -4.06
CA GLN F 9 47.06 0.25 -3.27
C GLN F 9 46.08 1.29 -3.80
N HIS F 10 45.45 2.04 -2.87
CA HIS F 10 44.61 3.20 -3.11
C HIS F 10 43.70 3.06 -4.32
N PRO F 11 42.65 2.25 -4.23
CA PRO F 11 41.68 2.17 -5.33
C PRO F 11 40.69 3.32 -5.29
N LYS F 12 40.19 3.68 -6.47
CA LYS F 12 39.26 4.78 -6.63
C LYS F 12 38.20 4.43 -7.67
N ILE F 13 36.98 4.86 -7.42
CA ILE F 13 35.88 4.72 -8.36
C ILE F 13 35.51 6.10 -8.88
N ARG F 14 35.63 6.27 -10.20
CA ARG F 14 35.35 7.54 -10.85
C ARG F 14 33.90 7.56 -11.31
N LEU F 15 33.07 8.34 -10.64
CA LEU F 15 31.67 8.50 -10.99
C LEU F 15 31.46 9.93 -11.49
N TYR F 16 31.88 10.18 -12.72
CA TYR F 16 31.74 11.49 -13.34
C TYR F 16 30.80 11.38 -14.54
N ASN F 17 29.72 12.17 -14.54
CA ASN F 17 28.72 12.16 -15.59
C ASN F 17 28.22 10.72 -15.73
N ALA F 18 28.27 10.12 -16.90
CA ALA F 18 27.86 8.74 -17.08
C ALA F 18 29.03 7.77 -17.01
N GLU F 19 30.23 8.24 -16.70
CA GLU F 19 31.38 7.36 -16.66
C GLU F 19 31.43 6.59 -15.34
N GLN F 20 31.96 5.37 -15.41
CA GLN F 20 32.13 4.51 -14.24
C GLN F 20 33.46 3.77 -14.41
N VAL F 21 34.52 4.28 -13.81
CA VAL F 21 35.86 3.74 -13.97
C VAL F 21 36.44 3.42 -12.61
N LEU F 22 36.88 2.18 -12.44
CA LEU F 22 37.59 1.77 -11.24
C LEU F 22 39.08 1.70 -11.55
N SER F 23 39.88 2.41 -10.76
CA SER F 23 41.31 2.47 -10.97
C SER F 23 42.02 2.15 -9.66
N TRP F 24 43.29 1.77 -9.77
CA TRP F 24 44.10 1.43 -8.62
C TRP F 24 45.57 1.52 -8.98
N GLU F 25 46.42 1.54 -7.94
CA GLU F 25 47.87 1.57 -8.13
C GLU F 25 48.39 0.15 -8.38
N PRO F 26 49.36 0.00 -9.27
CA PRO F 26 49.86 -1.35 -9.59
C PRO F 26 50.59 -1.97 -8.41
N VAL F 27 50.66 -3.31 -8.44
CA VAL F 27 51.35 -4.11 -7.43
C VAL F 27 52.59 -4.70 -8.08
N ALA F 28 53.75 -4.50 -7.45
CA ALA F 28 55.01 -5.03 -7.96
C ALA F 28 55.68 -5.93 -6.93
N LEU F 29 56.54 -6.81 -7.43
CA LEU F 29 57.34 -7.70 -6.61
C LEU F 29 58.82 -7.51 -6.91
N SER F 30 59.66 -7.89 -5.94
CA SER F 30 61.10 -7.94 -6.16
C SER F 30 61.46 -9.00 -7.21
N ASN F 31 61.01 -10.24 -6.99
CA ASN F 31 61.31 -11.36 -7.89
C ASN F 31 60.12 -11.58 -8.81
N SER F 32 60.04 -10.77 -9.85
CA SER F 32 58.92 -10.79 -10.80
C SER F 32 59.40 -11.34 -12.12
N THR F 33 58.84 -12.49 -12.51
CA THR F 33 59.17 -13.11 -13.79
C THR F 33 58.16 -12.82 -14.89
N ARG F 34 56.88 -12.67 -14.55
CA ARG F 34 55.83 -12.41 -15.52
C ARG F 34 54.85 -11.43 -14.89
N PRO F 35 54.10 -10.70 -15.72
CA PRO F 35 53.23 -9.65 -15.17
C PRO F 35 52.13 -10.20 -14.27
N VAL F 36 51.82 -9.46 -13.22
CA VAL F 36 50.73 -9.77 -12.30
C VAL F 36 49.41 -9.31 -12.89
N VAL F 37 48.38 -10.13 -12.73
CA VAL F 37 47.03 -9.78 -13.17
C VAL F 37 46.15 -9.42 -11.97
N TYR F 38 44.98 -8.86 -12.28
CA TYR F 38 44.03 -8.42 -11.27
C TYR F 38 42.64 -8.92 -11.64
N GLN F 39 41.78 -9.07 -10.64
CA GLN F 39 40.40 -9.50 -10.82
C GLN F 39 39.47 -8.53 -10.10
N VAL F 40 38.48 -8.03 -10.83
CA VAL F 40 37.47 -7.14 -10.27
C VAL F 40 36.15 -7.89 -10.19
N GLN F 41 35.42 -7.67 -9.10
CA GLN F 41 34.14 -8.33 -8.90
C GLN F 41 33.14 -7.29 -8.38
N PHE F 42 31.87 -7.49 -8.75
CA PHE F 42 30.81 -6.59 -8.34
C PHE F 42 29.70 -7.36 -7.66
N LYS F 43 28.93 -6.64 -6.83
CA LYS F 43 27.87 -7.23 -6.05
C LYS F 43 26.78 -6.19 -5.85
N TYR F 44 25.54 -6.66 -5.80
CA TYR F 44 24.37 -5.84 -5.54
C TYR F 44 24.08 -5.79 -4.02
N THR F 45 22.91 -5.27 -3.64
CA THR F 45 22.67 -4.95 -2.25
C THR F 45 22.77 -6.18 -1.36
N ASP F 46 22.07 -7.27 -1.71
CA ASP F 46 22.19 -8.54 -0.97
C ASP F 46 22.32 -9.64 -2.04
N SER F 47 23.52 -9.80 -2.57
CA SER F 47 23.70 -10.67 -3.72
C SER F 47 25.02 -11.42 -3.59
N LYS F 48 25.34 -12.19 -4.61
CA LYS F 48 26.58 -12.93 -4.65
C LYS F 48 27.59 -12.15 -5.47
N TRP F 49 28.87 -12.36 -5.18
CA TRP F 49 29.92 -11.72 -5.95
C TRP F 49 30.03 -12.33 -7.34
N PHE F 50 30.05 -11.47 -8.35
CA PHE F 50 30.21 -11.89 -9.74
C PHE F 50 31.56 -11.42 -10.24
N THR F 51 32.20 -12.22 -11.09
CA THR F 51 33.41 -11.79 -11.78
C THR F 51 33.05 -10.83 -12.91
N ALA F 52 33.84 -9.77 -13.06
CA ALA F 52 33.61 -8.76 -14.09
C ALA F 52 34.17 -9.24 -15.43
N ASP F 53 33.35 -9.99 -16.17
CA ASP F 53 33.73 -10.57 -17.45
C ASP F 53 32.72 -10.14 -18.53
N ILE F 54 33.12 -10.31 -19.79
CA ILE F 54 32.30 -9.87 -20.92
C ILE F 54 30.88 -10.39 -20.83
N MET F 55 30.71 -11.58 -20.24
CA MET F 55 29.38 -12.15 -20.10
C MET F 55 28.56 -11.44 -19.03
N SER F 56 29.17 -11.17 -17.87
CA SER F 56 28.43 -10.59 -16.74
C SER F 56 28.08 -9.13 -16.96
N ILE F 57 29.07 -8.29 -17.27
CA ILE F 57 28.90 -6.86 -17.30
C ILE F 57 29.29 -6.24 -18.64
N GLY F 58 29.73 -7.04 -19.59
CA GLY F 58 30.05 -6.55 -20.92
C GLY F 58 31.45 -6.00 -21.09
N VAL F 59 32.30 -6.10 -20.08
CA VAL F 59 33.71 -5.77 -20.24
C VAL F 59 34.49 -6.86 -19.51
N ASN F 60 35.69 -7.13 -19.98
CA ASN F 60 36.50 -8.21 -19.43
C ASN F 60 37.53 -7.54 -18.51
N CYS F 61 37.29 -7.65 -17.20
CA CYS F 61 38.12 -7.06 -16.14
C CYS F 61 38.62 -8.12 -15.18
N THR F 62 38.71 -9.38 -15.62
CA THR F 62 39.25 -10.48 -14.85
C THR F 62 40.50 -10.98 -15.55
N GLN F 63 41.54 -11.27 -14.76
CA GLN F 63 42.84 -11.70 -15.27
C GLN F 63 43.41 -10.68 -16.26
N ILE F 64 43.28 -9.39 -15.91
CA ILE F 64 43.71 -8.30 -16.80
C ILE F 64 44.98 -7.68 -16.26
N THR F 65 45.83 -7.24 -17.19
CA THR F 65 47.12 -6.63 -16.84
C THR F 65 46.98 -5.15 -16.48
N ALA F 66 45.97 -4.48 -17.00
CA ALA F 66 45.79 -3.04 -16.81
C ALA F 66 45.50 -2.71 -15.35
N THR F 67 45.80 -1.46 -14.98
CA THR F 67 45.53 -0.96 -13.64
C THR F 67 44.24 -0.14 -13.57
N GLU F 68 43.28 -0.43 -14.44
CA GLU F 68 42.00 0.24 -14.43
C GLU F 68 40.98 -0.65 -15.13
N CYS F 69 39.70 -0.34 -14.92
CA CYS F 69 38.61 -1.09 -15.52
C CYS F 69 37.49 -0.09 -15.82
N ASP F 70 37.14 0.05 -17.10
CA ASP F 70 36.17 1.04 -17.56
C ASP F 70 34.88 0.33 -17.93
N PHE F 71 33.85 0.50 -17.10
CA PHE F 71 32.58 -0.19 -17.32
C PHE F 71 31.74 0.47 -18.40
N THR F 72 31.87 1.78 -18.59
CA THR F 72 31.00 2.52 -19.50
C THR F 72 31.67 2.81 -20.84
N ALA F 73 32.87 2.28 -21.07
CA ALA F 73 33.59 2.58 -22.30
C ALA F 73 33.06 1.78 -23.48
N ALA F 74 32.54 0.58 -23.21
CA ALA F 74 32.28 -0.38 -24.29
C ALA F 74 31.25 0.15 -25.27
N SER F 75 30.10 0.58 -24.77
CA SER F 75 28.99 0.97 -25.63
C SER F 75 28.04 1.85 -24.84
N PRO F 76 27.16 2.58 -25.53
CA PRO F 76 26.13 3.34 -24.81
C PRO F 76 25.23 2.42 -24.01
N SER F 77 24.76 2.93 -22.87
CA SER F 77 23.93 2.23 -21.89
C SER F 77 24.69 1.12 -21.17
N ALA F 78 25.98 0.91 -21.47
CA ALA F 78 26.76 -0.08 -20.75
C ALA F 78 27.15 0.44 -19.36
N GLY F 79 27.46 -0.50 -18.48
CA GLY F 79 27.82 -0.21 -17.11
C GLY F 79 26.71 -0.57 -16.15
N PHE F 80 26.88 -0.12 -14.92
CA PHE F 80 25.89 -0.42 -13.89
C PHE F 80 24.72 0.56 -13.97
N PRO F 81 23.49 0.07 -13.83
CA PRO F 81 22.34 0.99 -13.82
C PRO F 81 22.47 1.98 -12.67
N MET F 82 22.19 3.24 -12.98
CA MET F 82 22.40 4.34 -12.03
C MET F 82 21.48 4.26 -10.82
N ASP F 83 20.50 3.38 -10.83
CA ASP F 83 19.66 3.13 -9.66
C ASP F 83 20.24 2.12 -8.69
N PHE F 84 21.12 1.25 -9.16
CA PHE F 84 21.52 0.09 -8.38
C PHE F 84 22.45 0.45 -7.22
N ASN F 85 22.42 -0.40 -6.20
CA ASN F 85 23.33 -0.32 -5.06
C ASN F 85 24.43 -1.32 -5.39
N VAL F 86 25.57 -0.79 -5.84
CA VAL F 86 26.65 -1.58 -6.40
C VAL F 86 27.86 -1.54 -5.48
N THR F 87 28.43 -2.70 -5.19
CA THR F 87 29.67 -2.83 -4.43
C THR F 87 30.71 -3.55 -5.27
N LEU F 88 31.90 -2.97 -5.36
CA LEU F 88 32.99 -3.55 -6.15
C LEU F 88 34.10 -4.02 -5.21
N ARG F 89 34.81 -5.07 -5.62
CA ARG F 89 35.98 -5.53 -4.89
C ARG F 89 37.06 -5.94 -5.88
N LEU F 90 38.30 -5.97 -5.39
CA LEU F 90 39.47 -6.10 -6.24
C LEU F 90 40.54 -6.91 -5.52
N ARG F 91 41.32 -7.66 -6.30
CA ARG F 91 42.47 -8.38 -5.75
C ARG F 91 43.47 -8.61 -6.86
N ALA F 92 44.74 -8.73 -6.48
CA ALA F 92 45.80 -9.06 -7.41
C ALA F 92 46.20 -10.53 -7.25
N GLU F 93 46.46 -11.18 -8.38
CA GLU F 93 46.83 -12.59 -8.37
C GLU F 93 47.90 -12.86 -9.42
N LEU F 94 48.81 -13.78 -9.09
CA LEU F 94 49.87 -14.24 -9.99
C LEU F 94 49.77 -15.75 -9.96
N GLY F 95 48.92 -16.30 -10.83
CA GLY F 95 48.68 -17.72 -10.86
C GLY F 95 47.99 -18.23 -9.61
N ALA F 96 48.63 -19.16 -8.91
CA ALA F 96 48.05 -19.68 -7.67
C ALA F 96 48.09 -18.67 -6.54
N LEU F 97 49.04 -17.75 -6.56
CA LEU F 97 49.12 -16.73 -5.53
C LEU F 97 48.13 -15.61 -5.82
N HIS F 98 47.46 -15.12 -4.78
CA HIS F 98 46.56 -13.98 -4.92
C HIS F 98 46.58 -13.18 -3.63
N SER F 99 46.18 -11.92 -3.73
CA SER F 99 46.18 -11.04 -2.58
C SER F 99 44.79 -11.02 -1.94
N ALA F 100 44.67 -10.27 -0.85
CA ALA F 100 43.39 -10.13 -0.19
C ALA F 100 42.45 -9.28 -1.03
N TRP F 101 41.15 -9.41 -0.73
CA TRP F 101 40.15 -8.63 -1.46
C TRP F 101 40.12 -7.20 -0.93
N VAL F 102 40.37 -6.25 -1.82
CA VAL F 102 40.22 -4.84 -1.52
C VAL F 102 38.81 -4.46 -1.94
N THR F 103 37.93 -4.22 -0.97
CA THR F 103 36.52 -4.00 -1.22
C THR F 103 36.24 -2.51 -1.22
N MET F 104 35.69 -2.01 -2.34
CA MET F 104 35.35 -0.61 -2.43
C MET F 104 34.08 -0.35 -1.63
N PRO F 105 33.84 0.90 -1.27
CA PRO F 105 32.55 1.24 -0.65
C PRO F 105 31.42 1.15 -1.65
N TRP F 106 30.23 0.86 -1.14
CA TRP F 106 29.07 0.78 -2.01
C TRP F 106 28.73 2.14 -2.57
N PHE F 107 28.17 2.14 -3.77
CA PHE F 107 27.78 3.38 -4.42
C PHE F 107 26.50 3.16 -5.22
N GLN F 108 25.69 4.20 -5.24
CA GLN F 108 24.60 4.35 -6.20
C GLN F 108 24.99 5.50 -7.10
N HIS F 109 24.92 5.29 -8.42
CA HIS F 109 25.51 6.26 -9.33
C HIS F 109 24.86 7.63 -9.16
N TYR F 110 23.53 7.67 -9.08
CA TYR F 110 22.83 8.92 -8.87
C TYR F 110 23.21 9.59 -7.54
N ARG F 111 23.64 8.80 -6.55
CA ARG F 111 23.95 9.36 -5.23
C ARG F 111 25.39 9.85 -5.14
N ASN F 112 26.29 9.23 -5.87
CA ASN F 112 27.71 9.50 -5.73
C ASN F 112 28.33 10.16 -6.94
N VAL F 113 27.56 10.41 -7.99
CA VAL F 113 28.18 10.97 -9.17
C VAL F 113 28.55 12.41 -8.88
N THR F 114 29.64 12.87 -9.46
CA THR F 114 29.98 14.27 -9.46
C THR F 114 29.59 14.81 -10.84
N VAL F 115 28.53 15.60 -10.87
CA VAL F 115 27.91 16.03 -12.12
C VAL F 115 28.72 17.18 -12.72
N GLY F 116 28.98 17.10 -14.02
CA GLY F 116 29.73 18.11 -14.72
C GLY F 116 28.84 19.22 -15.23
N PRO F 117 29.47 20.23 -15.84
CA PRO F 117 28.71 21.38 -16.33
C PRO F 117 27.95 21.03 -17.60
N PRO F 118 26.95 21.83 -17.96
CA PRO F 118 26.23 21.59 -19.22
C PRO F 118 27.18 21.72 -20.40
N GLU F 119 26.98 20.85 -21.38
CA GLU F 119 27.84 20.78 -22.55
C GLU F 119 27.28 21.63 -23.69
N ASN F 120 28.17 22.11 -24.55
CA ASN F 120 27.82 22.83 -25.77
C ASN F 120 26.88 23.99 -25.48
N ILE F 121 27.39 24.95 -24.71
CA ILE F 121 26.61 26.13 -24.34
C ILE F 121 26.69 27.15 -25.47
N GLU F 122 25.52 27.59 -25.93
CA GLU F 122 25.42 28.58 -26.99
C GLU F 122 24.53 29.72 -26.52
N VAL F 123 25.02 30.94 -26.69
CA VAL F 123 24.32 32.15 -26.23
C VAL F 123 24.11 33.07 -27.42
N THR F 124 22.86 33.50 -27.61
CA THR F 124 22.51 34.42 -28.67
C THR F 124 21.83 35.63 -28.05
N PRO F 125 22.24 36.85 -28.39
CA PRO F 125 21.66 38.03 -27.73
C PRO F 125 20.28 38.35 -28.25
N GLY F 126 19.48 38.96 -27.36
CA GLY F 126 18.14 39.42 -27.71
C GLY F 126 17.90 40.83 -27.20
N GLU F 127 16.74 41.37 -27.56
CA GLU F 127 16.36 42.71 -27.17
C GLU F 127 16.26 42.83 -25.66
N GLY F 128 17.29 43.39 -25.03
CA GLY F 128 17.31 43.45 -23.58
C GLY F 128 17.25 42.08 -22.93
N SER F 129 17.86 41.08 -23.56
CA SER F 129 17.78 39.70 -23.09
C SER F 129 18.90 38.89 -23.71
N LEU F 130 19.06 37.66 -23.21
CA LEU F 130 20.03 36.71 -23.73
C LEU F 130 19.41 35.31 -23.76
N ILE F 131 19.56 34.63 -24.89
CA ILE F 131 19.02 33.29 -25.07
C ILE F 131 20.13 32.29 -24.83
N ILE F 132 19.87 31.29 -23.98
CA ILE F 132 20.87 30.29 -23.62
C ILE F 132 20.31 28.93 -24.01
N ARG F 133 21.04 28.21 -24.87
CA ARG F 133 20.74 26.83 -25.20
C ARG F 133 21.95 25.96 -24.92
N PHE F 134 21.71 24.80 -24.30
CA PHE F 134 22.81 23.93 -23.90
C PHE F 134 22.32 22.49 -23.87
N SER F 135 23.28 21.57 -23.88
CA SER F 135 23.02 20.15 -23.78
C SER F 135 23.10 19.71 -22.33
N SER F 136 22.43 18.60 -22.03
CA SER F 136 22.45 18.06 -20.67
C SER F 136 23.85 17.53 -20.35
N PRO F 137 24.24 17.55 -19.06
CA PRO F 137 25.56 17.01 -18.70
C PRO F 137 25.78 15.58 -19.15
N PHE F 138 24.73 14.76 -19.10
CA PHE F 138 24.75 13.42 -19.67
C PHE F 138 23.31 12.97 -19.89
N ASP F 139 23.15 11.95 -20.73
CA ASP F 139 21.83 11.49 -21.13
C ASP F 139 21.31 10.48 -20.10
N ILE F 140 20.14 10.78 -19.53
CA ILE F 140 19.51 9.92 -18.54
C ILE F 140 18.43 9.11 -19.24
N ALA F 141 18.40 7.80 -18.97
CA ALA F 141 17.42 6.94 -19.62
C ALA F 141 16.01 7.26 -19.18
N ASP F 142 15.77 7.22 -17.87
CA ASP F 142 14.45 7.48 -17.31
C ASP F 142 14.52 8.86 -16.66
N THR F 143 13.87 9.84 -17.30
CA THR F 143 13.85 11.21 -16.78
C THR F 143 12.96 11.32 -15.54
N SER F 144 11.93 10.48 -15.43
CA SER F 144 11.03 10.53 -14.28
C SER F 144 11.74 10.18 -12.99
N THR F 145 12.73 9.28 -13.04
CA THR F 145 13.43 8.88 -11.82
C THR F 145 14.49 9.90 -11.41
N ALA F 146 15.13 10.55 -12.38
CA ALA F 146 16.15 11.54 -12.11
C ALA F 146 16.17 12.53 -13.27
N PHE F 147 16.39 13.79 -12.96
CA PHE F 147 16.37 14.85 -13.97
C PHE F 147 17.31 15.96 -13.55
N PHE F 148 17.40 16.99 -14.38
CA PHE F 148 18.29 18.11 -14.13
C PHE F 148 17.48 19.38 -13.87
N CYS F 149 18.00 20.19 -12.96
CA CYS F 149 17.53 21.55 -12.68
C CYS F 149 18.72 22.45 -12.95
N TYR F 150 18.54 23.44 -13.81
CA TYR F 150 19.65 24.28 -14.24
C TYR F 150 19.57 25.65 -13.60
N TYR F 151 20.73 26.21 -13.28
CA TYR F 151 20.84 27.52 -12.67
C TYR F 151 21.81 28.34 -13.50
N VAL F 152 21.46 29.60 -13.76
CA VAL F 152 22.31 30.51 -14.52
C VAL F 152 22.76 31.65 -13.61
N HIS F 153 24.07 31.75 -13.42
CA HIS F 153 24.68 32.82 -12.63
C HIS F 153 25.15 33.92 -13.60
N TYR F 154 24.38 34.99 -13.68
CA TYR F 154 24.63 36.10 -14.60
C TYR F 154 24.87 37.39 -13.83
N TRP F 155 25.61 38.31 -14.46
CA TRP F 155 25.86 39.59 -13.83
C TRP F 155 26.39 40.55 -14.88
N GLU F 156 26.01 41.82 -14.74
CA GLU F 156 26.58 42.89 -15.54
C GLU F 156 28.05 43.08 -15.17
N LYS F 157 28.86 43.52 -16.15
CA LYS F 157 30.26 43.80 -15.88
C LYS F 157 30.41 44.77 -14.73
N GLY F 158 31.19 44.35 -13.72
CA GLY F 158 31.28 45.15 -12.52
C GLY F 158 30.08 45.07 -11.60
N GLY F 159 29.14 44.17 -11.86
CA GLY F 159 27.94 44.05 -11.05
C GLY F 159 27.96 42.87 -10.09
N ILE F 160 26.88 42.78 -9.32
CA ILE F 160 26.69 41.76 -8.30
C ILE F 160 26.04 40.53 -8.92
N GLN F 161 26.31 39.37 -8.33
CA GLN F 161 25.79 38.10 -8.84
C GLN F 161 24.27 38.08 -8.77
N GLN F 162 23.66 37.41 -9.75
CA GLN F 162 22.25 37.07 -9.72
C GLN F 162 22.08 35.67 -10.27
N VAL F 163 21.22 34.88 -9.65
CA VAL F 163 21.04 33.48 -10.02
C VAL F 163 19.59 33.30 -10.44
N LYS F 164 19.38 33.00 -11.72
CA LYS F 164 18.07 32.67 -12.24
C LYS F 164 17.92 31.15 -12.29
N GLY F 165 16.79 30.65 -11.79
CA GLY F 165 16.56 29.22 -11.75
C GLY F 165 15.81 28.78 -10.51
N PRO F 166 15.49 27.49 -10.43
CA PRO F 166 15.86 26.51 -11.45
C PRO F 166 14.81 26.36 -12.53
N PHE F 167 15.20 25.79 -13.67
CA PHE F 167 14.31 25.58 -14.80
C PHE F 167 14.64 24.25 -15.45
N ARG F 168 13.58 23.56 -15.92
CA ARG F 168 13.72 22.21 -16.45
C ARG F 168 14.23 22.18 -17.89
N SER F 169 13.90 23.19 -18.70
CA SER F 169 14.23 23.19 -20.12
C SER F 169 15.73 23.37 -20.35
N ASN F 170 16.20 22.90 -21.51
CA ASN F 170 17.58 23.07 -21.93
C ASN F 170 17.79 24.39 -22.66
N SER F 171 16.76 25.23 -22.73
CA SER F 171 16.84 26.56 -23.32
C SER F 171 16.12 27.54 -22.41
N ILE F 172 16.73 28.71 -22.19
CA ILE F 172 16.19 29.70 -21.28
C ILE F 172 16.46 31.08 -21.85
N SER F 173 15.57 32.02 -21.51
CA SER F 173 15.68 33.42 -21.94
C SER F 173 15.95 34.30 -20.73
N LEU F 174 17.06 35.03 -20.78
CA LEU F 174 17.45 35.96 -19.71
C LEU F 174 16.82 37.33 -19.97
N ASP F 175 15.51 37.38 -19.77
CA ASP F 175 14.74 38.58 -20.05
C ASP F 175 15.01 39.67 -19.00
N ASN F 176 14.53 40.89 -19.31
CA ASN F 176 14.68 42.07 -18.47
C ASN F 176 16.17 42.34 -18.17
N LEU F 177 16.88 42.72 -19.23
CA LEU F 177 18.26 43.15 -19.10
C LEU F 177 18.45 44.53 -19.71
N LYS F 178 19.47 45.22 -19.23
CA LYS F 178 19.81 46.53 -19.76
C LYS F 178 20.33 46.36 -21.19
N PRO F 179 19.70 46.97 -22.18
CA PRO F 179 20.14 46.74 -23.57
C PRO F 179 21.47 47.42 -23.88
N SER F 180 22.21 46.80 -24.80
CA SER F 180 23.53 47.28 -25.23
C SER F 180 24.51 47.36 -24.05
N ARG F 181 24.42 46.39 -23.15
CA ARG F 181 25.33 46.27 -22.01
C ARG F 181 25.89 44.86 -21.97
N VAL F 182 27.11 44.73 -21.45
CA VAL F 182 27.80 43.44 -21.41
C VAL F 182 27.41 42.70 -20.14
N TYR F 183 27.00 41.44 -20.30
CA TYR F 183 26.68 40.55 -19.19
C TYR F 183 27.53 39.29 -19.30
N CYS F 184 27.99 38.80 -18.15
CA CYS F 184 28.75 37.55 -18.07
C CYS F 184 27.90 36.50 -17.37
N LEU F 185 28.02 35.24 -17.81
CA LEU F 185 27.13 34.21 -17.32
C LEU F 185 27.90 32.91 -17.06
N GLN F 186 27.34 32.10 -16.18
CA GLN F 186 27.78 30.74 -15.90
C GLN F 186 26.57 29.85 -15.77
N VAL F 187 26.67 28.63 -16.27
CA VAL F 187 25.59 27.65 -16.21
C VAL F 187 26.01 26.51 -15.31
N GLN F 188 25.13 26.13 -14.39
CA GLN F 188 25.40 25.08 -13.41
C GLN F 188 24.16 24.22 -13.27
N ALA F 189 24.34 22.90 -13.30
CA ALA F 189 23.24 21.96 -13.23
C ALA F 189 23.11 21.38 -11.83
N GLN F 190 21.94 20.76 -11.57
CA GLN F 190 21.64 20.16 -10.28
C GLN F 190 20.85 18.88 -10.53
N LEU F 191 21.45 17.74 -10.21
CA LEU F 191 20.80 16.45 -10.41
C LEU F 191 19.87 16.18 -9.23
N LEU F 192 18.61 15.93 -9.53
CA LEU F 192 17.62 15.65 -8.50
C LEU F 192 17.12 14.21 -8.65
N TRP F 193 17.26 13.43 -7.58
CA TRP F 193 16.77 12.06 -7.53
C TRP F 193 15.63 12.00 -6.53
N ASN F 194 14.43 11.65 -7.01
CA ASN F 194 13.23 11.73 -6.16
C ASN F 194 13.25 10.75 -5.00
N LYS F 195 13.86 9.56 -5.19
CA LYS F 195 13.94 8.60 -4.08
C LYS F 195 14.80 9.14 -2.95
N SER F 196 15.98 9.66 -3.29
CA SER F 196 16.90 10.17 -2.28
C SER F 196 16.39 11.44 -1.64
N ASN F 197 15.63 12.25 -2.39
CA ASN F 197 15.28 13.63 -2.07
C ASN F 197 16.50 14.43 -1.60
N ILE F 198 17.70 13.98 -2.00
CA ILE F 198 18.93 14.74 -1.84
C ILE F 198 19.55 14.89 -3.23
N PHE F 199 20.27 16.00 -3.41
CA PHE F 199 20.69 16.47 -4.73
C PHE F 199 22.21 16.48 -4.86
N ARG F 200 22.67 16.32 -6.10
CA ARG F 200 24.07 16.47 -6.47
C ARG F 200 24.23 17.82 -7.16
N VAL F 201 25.03 18.70 -6.58
CA VAL F 201 25.25 20.03 -7.13
C VAL F 201 26.30 19.91 -8.22
N GLY F 202 25.92 20.28 -9.44
CA GLY F 202 26.84 20.17 -10.55
C GLY F 202 27.87 21.29 -10.55
N HIS F 203 28.92 21.04 -11.34
CA HIS F 203 30.01 22.00 -11.48
C HIS F 203 29.62 23.09 -12.47
N LEU F 204 30.16 24.28 -12.25
CA LEU F 204 29.86 25.41 -13.12
C LEU F 204 30.70 25.38 -14.38
N SER F 205 30.16 25.95 -15.46
CA SER F 205 30.86 26.08 -16.72
C SER F 205 31.77 27.29 -16.71
N ASN F 206 32.57 27.43 -17.77
CA ASN F 206 33.46 28.57 -17.88
C ASN F 206 32.65 29.86 -17.99
N ILE F 207 33.24 30.96 -17.51
CA ILE F 207 32.61 32.26 -17.65
C ILE F 207 32.72 32.74 -19.09
N SER F 208 31.64 33.30 -19.60
CA SER F 208 31.64 33.85 -20.95
C SER F 208 30.71 35.06 -20.98
N CYS F 209 31.23 36.19 -21.46
CA CYS F 209 30.51 37.45 -21.45
C CYS F 209 29.97 37.76 -22.84
N TYR F 210 28.77 38.32 -22.89
CA TYR F 210 28.10 38.69 -24.13
C TYR F 210 27.37 40.01 -23.94
N GLU F 211 27.16 40.73 -25.04
CA GLU F 211 26.48 42.02 -25.01
C GLU F 211 25.08 41.87 -25.57
N THR F 212 24.12 42.48 -24.87
CA THR F 212 22.73 42.41 -25.30
C THR F 212 22.51 43.28 -26.54
N MET F 213 21.31 43.16 -27.10
CA MET F 213 20.97 43.91 -28.31
C MET F 213 20.72 45.37 -27.98
N ALA F 214 20.38 46.15 -29.01
CA ALA F 214 20.23 47.59 -28.85
C ALA F 214 18.88 47.93 -28.21
N ASP F 215 17.80 47.41 -28.76
CA ASP F 215 16.48 47.68 -28.20
C ASP F 215 15.69 46.39 -28.10
C1 NAG G . -5.89 -5.13 -41.27
C2 NAG G . -5.48 -3.78 -41.89
C3 NAG G . -5.84 -2.63 -40.95
C4 NAG G . -7.31 -2.70 -40.54
C5 NAG G . -7.61 -4.08 -39.96
C6 NAG G . -9.07 -4.30 -39.66
C7 NAG G . -3.61 -3.77 -43.46
C8 NAG G . -2.12 -3.74 -43.64
N2 NAG G . -4.06 -3.76 -42.20
O3 NAG G . -5.55 -1.38 -41.57
O4 NAG G . -7.64 -1.71 -39.58
O5 NAG G . -7.27 -5.08 -40.92
O6 NAG G . -9.87 -3.96 -40.79
O7 NAG G . -4.38 -3.83 -44.42
C1 NAG G . -8.64 -0.91 -40.26
C2 NAG G . -9.80 -0.50 -39.33
C3 NAG G . -10.80 0.36 -40.11
C4 NAG G . -10.09 1.52 -40.81
C5 NAG G . -8.85 1.07 -41.59
C6 NAG G . -8.01 2.24 -42.09
C7 NAG G . -10.39 -1.98 -37.43
C8 NAG G . -11.15 -3.21 -37.02
N2 NAG G . -10.46 -1.65 -38.74
O3 NAG G . -11.80 0.85 -39.24
O4 NAG G . -10.99 2.17 -41.70
O5 NAG G . -7.99 0.27 -40.77
O6 NAG G . -7.85 3.26 -41.11
O7 NAG G . -9.75 -1.30 -36.63
C1 NAG H . 5.86 6.20 40.94
C2 NAG H . 4.86 7.18 41.58
C3 NAG H . 4.52 8.28 40.58
C4 NAG H . 5.77 8.95 40.04
C5 NAG H . 6.74 7.90 39.50
C6 NAG H . 8.08 8.46 39.14
C7 NAG H . 2.99 6.84 43.15
C8 NAG H . 1.71 6.09 43.41
N2 NAG H . 3.63 6.52 42.01
O3 NAG H . 3.66 9.24 41.18
O4 NAG H . 5.41 9.82 38.97
O5 NAG H . 7.01 6.91 40.52
O6 NAG H . 8.72 9.03 40.28
O7 NAG H . 3.41 7.69 43.91
C1 NAG H . 5.33 11.23 39.26
C2 NAG H . 5.94 11.95 38.03
C3 NAG H . 5.69 13.47 38.05
C4 NAG H . 4.26 13.83 38.43
C5 NAG H . 3.85 13.09 39.70
C6 NAG H . 2.40 13.33 40.07
C7 NAG H . 8.26 11.87 38.90
C8 NAG H . 9.69 11.54 38.54
N2 NAG H . 7.36 11.68 37.91
O3 NAG H . 5.96 14.01 36.76
O4 NAG H . 4.08 15.24 38.54
O5 NAG H . 4.00 11.68 39.49
O6 NAG H . 1.50 13.00 39.04
O7 NAG H . 7.94 12.29 40.00
C1 BMA H . 5.05 16.05 39.29
C2 BMA H . 6.14 16.71 38.35
C3 BMA H . 7.10 17.57 39.16
C4 BMA H . 6.33 18.59 40.01
C5 BMA H . 5.27 17.90 40.89
C6 BMA H . 4.44 18.92 41.63
O2 BMA H . 5.56 17.55 37.34
O3 BMA H . 8.06 18.24 38.33
O4 BMA H . 7.23 19.31 40.84
O5 BMA H . 4.39 17.08 40.06
O6 BMA H . 3.15 18.37 41.86
C1 NAG I . -30.85 -25.36 25.02
C2 NAG I . -30.14 -26.44 25.88
C3 NAG I . -30.81 -27.79 25.68
C4 NAG I . -32.30 -27.68 25.97
C5 NAG I . -32.92 -26.56 25.13
C6 NAG I . -34.37 -26.29 25.46
C7 NAG I . -27.74 -26.22 26.39
C8 NAG I . -26.34 -26.42 25.88
N2 NAG I . -28.72 -26.53 25.55
O3 NAG I . -30.20 -28.76 26.54
O4 NAG I . -32.90 -28.93 25.60
O5 NAG I . -32.23 -25.33 25.36
O6 NAG I . -34.63 -24.89 25.55
O7 NAG I . -27.96 -25.75 27.51
C1 NAG I . -33.77 -29.38 26.66
C2 NAG I . -34.35 -30.73 26.24
C3 NAG I . -35.29 -31.24 27.33
C4 NAG I . -34.58 -31.28 28.68
C5 NAG I . -33.94 -29.93 28.98
C6 NAG I . -33.08 -29.94 30.23
C7 NAG I . -34.73 -31.38 23.91
C8 NAG I . -35.56 -31.17 22.69
N2 NAG I . -35.05 -30.63 24.97
O3 NAG I . -35.75 -32.54 26.97
O4 NAG I . -35.53 -31.58 29.68
O5 NAG I . -33.08 -29.53 27.91
O6 NAG I . -31.81 -30.54 29.97
O7 NAG I . -33.81 -32.19 23.94
C1 BMA I . -35.10 -32.74 30.41
C2 BMA I . -35.68 -32.63 31.84
C3 BMA I . -35.28 -33.85 32.64
C4 BMA I . -35.64 -35.15 31.89
C5 BMA I . -35.04 -35.13 30.47
C6 BMA I . -35.39 -36.36 29.65
O2 BMA I . -37.11 -32.60 31.80
O3 BMA I . -35.88 -33.84 33.94
O4 BMA I . -35.13 -36.27 32.60
O5 BMA I . -35.53 -33.96 29.79
O6 BMA I . -34.93 -36.15 28.32
C1 NAG J . -20.43 -12.69 2.25
C2 NAG J . -20.04 -12.39 0.81
C3 NAG J . -20.79 -13.35 -0.13
C4 NAG J . -20.51 -14.80 0.26
C5 NAG J . -20.82 -15.05 1.74
C6 NAG J . -20.36 -16.41 2.22
C7 NAG J . -19.33 -10.06 0.37
C8 NAG J . -19.77 -8.70 -0.09
N2 NAG J . -20.28 -11.01 0.41
O3 NAG J . -20.37 -13.11 -1.46
O4 NAG J . -21.31 -15.69 -0.51
O5 NAG J . -20.14 -14.08 2.56
O6 NAG J . -19.23 -16.93 1.51
O7 NAG J . -18.16 -10.29 0.67
C1 NAG J . -20.65 -16.19 -1.70
C2 NAG J . -21.76 -16.67 -2.63
C3 NAG J . -21.15 -17.28 -3.88
C4 NAG J . -20.26 -16.26 -4.58
C5 NAG J . -19.21 -15.67 -3.60
C6 NAG J . -18.45 -14.51 -4.20
C7 NAG J . -23.95 -17.32 -1.71
C8 NAG J . -24.72 -18.38 -0.99
N2 NAG J . -22.66 -17.60 -1.96
O3 NAG J . -22.20 -17.71 -4.74
O4 NAG J . -19.59 -16.84 -5.69
O5 NAG J . -19.82 -15.21 -2.39
O6 NAG J . -19.24 -13.31 -4.24
O7 NAG J . -24.47 -16.25 -2.05
C1 NAG K . 40.25 -11.04 -20.83
C2 NAG K . 40.16 -12.45 -21.42
C3 NAG K . 41.39 -13.26 -21.02
C4 NAG K . 42.67 -12.52 -21.42
C5 NAG K . 42.64 -11.10 -20.83
C6 NAG K . 43.80 -10.25 -21.30
C7 NAG K . 37.94 -13.41 -21.83
C8 NAG K . 36.76 -14.11 -21.22
N2 NAG K . 38.94 -13.12 -21.00
O3 NAG K . 41.35 -14.54 -21.66
O4 NAG K . 43.77 -13.23 -20.87
O5 NAG K . 41.46 -10.42 -21.25
O6 NAG K . 43.34 -8.96 -21.70
O7 NAG K . 37.97 -13.11 -23.03
C1 NAG K . 44.82 -13.39 -21.86
C2 NAG K . 45.97 -14.16 -21.21
C3 NAG K . 47.09 -14.38 -22.22
C4 NAG K . 46.55 -15.02 -23.50
C5 NAG K . 45.35 -14.23 -24.03
C6 NAG K . 44.67 -14.92 -25.19
C7 NAG K . 46.53 -14.10 -18.83
C8 NAG K . 47.09 -13.30 -17.72
N2 NAG K . 46.48 -13.50 -20.03
O3 NAG K . 48.10 -15.21 -21.65
O4 NAG K . 47.58 -15.03 -24.48
O5 NAG K . 44.35 -14.09 -23.01
O6 NAG K . 43.85 -15.98 -24.75
O7 NAG K . 46.14 -15.26 -18.67
C1 BMA K . 47.79 -16.38 -24.94
C2 BMA K . 48.31 -16.29 -26.39
C3 BMA K . 48.57 -17.70 -26.91
C4 BMA K . 49.47 -18.49 -25.93
C5 BMA K . 48.87 -18.46 -24.51
C6 BMA K . 49.75 -19.16 -23.48
O2 BMA K . 49.54 -15.59 -26.45
O3 BMA K . 49.15 -17.67 -28.21
O4 BMA K . 49.58 -19.83 -26.38
O5 BMA K . 48.72 -17.09 -24.12
O6 BMA K . 49.18 -18.94 -22.20
C1 NAG L . 29.07 7.67 -1.75
C2 NAG L . 27.83 7.84 -0.85
C3 NAG L . 28.21 7.66 0.64
C4 NAG L . 29.22 6.55 0.87
C5 NAG L . 30.30 6.62 -0.19
C6 NAG L . 31.38 5.58 -0.09
C7 NAG L . 26.62 9.97 -0.24
C8 NAG L . 26.22 11.31 -0.78
N2 NAG L . 27.28 9.17 -1.10
O3 NAG L . 27.04 7.36 1.40
O4 NAG L . 29.91 6.88 2.07
O5 NAG L . 29.68 6.48 -1.47
O6 NAG L . 32.38 5.81 -1.07
O7 NAG L . 26.37 9.65 0.92
C1 NAG L . 29.44 6.34 3.33
C2 NAG L . 30.37 7.08 4.27
C3 NAG L . 30.15 6.59 5.68
C4 NAG L . 28.69 6.77 6.08
C5 NAG L . 27.76 6.13 5.04
C6 NAG L . 26.31 6.47 5.27
C7 NAG L . 32.59 7.97 3.77
C8 NAG L . 33.98 7.66 3.33
N2 NAG L . 31.76 6.93 3.87
O3 NAG L . 30.98 7.36 6.55
O4 NAG L . 28.45 6.06 7.30
O5 NAG L . 28.07 6.58 3.71
O6 NAG L . 26.11 7.88 5.23
O7 NAG L . 32.23 9.11 4.03
C1 BMA L . 28.53 6.86 8.50
C2 BMA L . 28.55 5.83 9.64
C3 BMA L . 28.62 6.57 10.94
C4 BMA L . 29.90 7.37 10.99
C5 BMA L . 29.84 8.41 9.86
C6 BMA L . 31.08 9.26 9.78
O2 BMA L . 29.74 5.05 9.58
O3 BMA L . 28.48 5.72 12.07
O4 BMA L . 30.05 8.03 12.23
O5 BMA L . 29.67 7.72 8.58
O6 BMA L . 32.22 8.43 9.99
C1 MAN L . 33.04 8.96 11.06
C2 MAN L . 33.38 10.43 10.74
C3 MAN L . 34.32 10.48 9.54
C4 MAN L . 35.57 9.65 9.82
C5 MAN L . 35.16 8.20 10.12
C6 MAN L . 36.36 7.36 10.48
O2 MAN L . 34.07 11.05 11.81
O3 MAN L . 34.68 11.82 9.21
O4 MAN L . 36.42 9.66 8.68
O5 MAN L . 34.21 8.17 11.24
O6 MAN L . 35.96 6.30 11.32
C1 MAN L . 37.06 5.38 11.42
C2 MAN L . 36.54 4.09 12.13
C3 MAN L . 36.23 4.39 13.62
C4 MAN L . 37.44 5.07 14.30
C5 MAN L . 37.88 6.34 13.51
C6 MAN L . 39.11 6.99 14.11
O2 MAN L . 37.53 3.04 12.13
O3 MAN L . 35.86 3.21 14.34
O4 MAN L . 37.11 5.43 15.66
O5 MAN L . 38.16 5.99 12.10
O6 MAN L . 40.25 6.19 13.78
C1 MAN L . 27.34 6.24 12.79
C2 MAN L . 27.80 6.61 14.24
C3 MAN L . 27.96 5.36 15.10
C4 MAN L . 26.70 4.50 15.04
C5 MAN L . 26.40 4.10 13.59
C6 MAN L . 25.10 3.31 13.46
O2 MAN L . 26.80 7.39 14.91
O3 MAN L . 28.28 5.68 16.45
O4 MAN L . 26.88 3.32 15.82
O5 MAN L . 26.25 5.29 12.78
O6 MAN L . 24.64 3.45 12.12
C1 NAG M . 23.81 -0.66 -0.19
C2 NAG M . 23.28 -0.30 1.20
C3 NAG M . 24.39 -0.45 2.24
C4 NAG M . 25.04 -1.83 2.15
C5 NAG M . 25.43 -2.18 0.72
C6 NAG M . 25.86 -3.62 0.56
C7 NAG M . 21.47 1.33 0.88
C8 NAG M . 21.06 2.77 1.01
N2 NAG M . 22.72 1.04 1.25
O3 NAG M . 23.88 -0.24 3.55
O4 NAG M . 26.24 -1.83 2.93
O5 NAG M . 24.32 -1.98 -0.17
O6 NAG M . 25.01 -4.49 1.30
O7 NAG M . 20.71 0.47 0.46
C1 NAG M . 26.12 -2.61 4.13
C2 NAG M . 27.41 -2.43 4.92
C3 NAG M . 27.34 -3.19 6.24
C4 NAG M . 26.11 -2.78 7.02
C5 NAG M . 24.86 -2.92 6.15
C6 NAG M . 23.61 -2.38 6.80
C7 NAG M . 29.49 -2.00 3.69
C8 NAG M . 30.61 -2.61 2.90
N2 NAG M . 28.57 -2.86 4.15
O3 NAG M . 28.52 -2.93 7.00
O4 NAG M . 25.97 -3.57 8.19
O5 NAG M . 25.02 -2.19 4.93
O6 NAG M . 23.55 -0.97 6.70
O7 NAG M . 29.41 -0.80 3.89
C1 NAG N . -3.19 -26.54 -17.18
C2 NAG N . -1.92 -27.27 -16.73
C3 NAG N . -1.81 -28.63 -17.43
C4 NAG N . -3.09 -29.43 -17.21
C5 NAG N . -4.32 -28.61 -17.63
C6 NAG N . -5.63 -29.30 -17.35
C7 NAG N . -0.43 -25.67 -17.95
C8 NAG N . 0.88 -24.97 -17.91
N2 NAG N . -0.69 -26.49 -16.92
O3 NAG N . -0.70 -29.36 -16.94
O4 NAG N . -3.05 -30.62 -17.99
O5 NAG N . -4.34 -27.36 -16.92
O6 NAG N . -5.74 -29.69 -15.98
O7 NAG N . -1.20 -25.55 -18.90
C1 NAG O . 14.52 -17.97 22.08
C2 NAG O . 14.00 -19.33 22.57
C3 NAG O . 15.09 -20.04 23.36
C4 NAG O . 16.37 -20.14 22.54
C5 NAG O . 16.79 -18.76 22.05
C6 NAG O . 17.99 -18.80 21.13
C7 NAG O . 11.58 -19.01 22.85
C8 NAG O . 10.45 -18.89 23.83
N2 NAG O . 12.79 -19.18 23.38
O3 NAG O . 14.65 -21.35 23.74
O4 NAG O . 17.42 -20.67 23.36
O5 NAG O . 15.71 -18.17 21.30
O6 NAG O . 17.96 -19.96 20.30
O7 NAG O . 11.41 -18.96 21.64
C1 NAG P . -4.94 -13.64 48.61
C2 NAG P . -5.22 -13.88 50.10
C3 NAG P . -6.42 -14.82 50.27
C4 NAG P . -7.63 -14.31 49.49
C5 NAG P . -7.25 -14.04 48.03
C6 NAG P . -8.36 -13.43 47.21
C7 NAG P . -3.36 -15.50 50.40
C8 NAG P . -2.17 -15.85 51.23
N2 NAG P . -4.04 -14.41 50.77
O3 NAG P . -6.75 -14.96 51.65
O4 NAG P . -8.68 -15.28 49.52
O5 NAG P . -6.14 -13.14 47.96
O6 NAG P . -7.92 -13.00 45.93
O7 NAG P . -3.70 -16.19 49.43
C1 NAG Q . -28.97 -8.07 2.09
C2 NAG Q . -29.81 -9.19 1.46
C3 NAG Q . -29.04 -9.85 0.31
C4 NAG Q . -28.36 -8.83 -0.62
C5 NAG Q . -27.64 -7.77 0.21
C6 NAG Q . -27.09 -6.63 -0.63
C7 NAG Q . -31.48 -10.43 2.83
C8 NAG Q . -31.67 -11.47 3.90
N2 NAG Q . -30.21 -10.17 2.47
O3 NAG Q . -29.87 -10.73 -0.43
O4 NAG Q . -27.38 -9.47 -1.42
O5 NAG Q . -28.59 -7.18 1.09
O6 NAG Q . -28.08 -6.05 -1.48
O7 NAG Q . -32.43 -9.83 2.35
C1 NAG R . -45.18 -39.03 8.97
C2 NAG R . -43.69 -38.73 9.21
C3 NAG R . -43.22 -37.70 8.17
C4 NAG R . -43.48 -38.23 6.76
C5 NAG R . -44.94 -38.70 6.58
C6 NAG R . -45.16 -39.45 5.28
C7 NAG R . -43.16 -39.11 11.58
C8 NAG R . -42.86 -38.45 12.90
N2 NAG R . -43.41 -38.29 10.56
O3 NAG R . -41.86 -37.35 8.37
O4 NAG R . -43.18 -37.24 5.78
O5 NAG R . -45.36 -39.57 7.65
O6 NAG R . -46.53 -39.75 5.06
O7 NAG R . -43.18 -40.34 11.45
N CYS S . -21.89 14.46 4.15
CA CYS S . -21.41 14.68 5.54
C CYS S . -19.90 14.99 5.63
O CYS S . -19.06 14.31 5.03
CB CYS S . -21.76 13.48 6.45
SG CYS S . -23.50 13.46 7.02
OXT CYS S . -19.48 15.91 6.35
N CYS T . 10.92 21.49 -9.76
CA CYS T . 12.23 21.32 -9.14
C CYS T . 12.07 21.41 -7.63
O CYS T . 11.36 22.28 -7.13
CB CYS T . 13.23 22.37 -9.71
SG CYS T . 13.94 21.84 -11.33
OXT CYS T . 12.58 20.58 -6.87
#